data_5DU6
#
_entry.id   5DU6
#
_cell.length_a   51.400
_cell.length_b   116.640
_cell.length_c   171.800
_cell.angle_alpha   90.00
_cell.angle_beta   90.00
_cell.angle_gamma   90.00
#
_symmetry.space_group_name_H-M   'P 21 21 21'
#
loop_
_entity.id
_entity.type
_entity.pdbx_description
1 polymer 'Probable enoyl-CoA hydratase echA6'
2 non-polymer (5R,7R)-5-(4-ethylphenyl)-N-(4-fluorobenzyl)-7-methyl-4,5,6,7-tetrahydropyrazolo[1,5-a]pyrimidine-3-carboxamide
3 water water
#
_entity_poly.entity_id   1
_entity_poly.type   'polypeptide(L)'
_entity_poly.pdbx_seq_one_letter_code
;MGSSHHHHHHSSGLVPRGSHMIGITQAEAVLTIELQRPERRNALNSQLVEELTQAIRKAGDGSARAIVLTGQGTAFCAGA
DLSGDAFAADYPDRLIELHKAMDASPMPVVGAINGPAIGAGLQLAMQCDLRVVAPDAFFQFPTSKYGLALDNWSIRRLSS
LVGHGRARAMLLSAEKLTAEIALHTGMANRIGTLADAQAWAAEIARLAPLAIQHAKRVLNDDGAIEEAWPAHKELFDKAW
GSQDVIEAQVARMEKRPPKFQGA
;
_entity_poly.pdbx_strand_id   A,B,C
#
# COMPACT_ATOMS: atom_id res chain seq x y z
N HIS A 20 12.64 31.04 21.14
CA HIS A 20 13.56 31.75 20.26
C HIS A 20 14.11 30.89 19.11
N MET A 21 13.78 29.60 19.08
CA MET A 21 14.24 28.71 17.99
C MET A 21 13.19 28.28 16.96
N ILE A 22 12.00 28.85 17.05
CA ILE A 22 11.00 28.68 16.00
C ILE A 22 10.26 30.02 15.81
N GLY A 23 9.59 30.16 14.67
CA GLY A 23 8.73 31.31 14.45
C GLY A 23 7.27 30.90 14.34
N ILE A 24 6.38 31.71 14.88
CA ILE A 24 4.95 31.43 14.84
C ILE A 24 4.18 32.64 14.35
N THR A 25 3.39 32.45 13.29
CA THR A 25 2.50 33.52 12.83
C THR A 25 1.14 32.95 12.46
N GLN A 26 0.12 33.81 12.49
CA GLN A 26 -1.23 33.39 12.18
C GLN A 26 -1.87 34.31 11.16
N ALA A 27 -2.52 33.71 10.17
CA ALA A 27 -3.26 34.49 9.20
C ALA A 27 -4.59 33.78 8.99
N GLU A 28 -5.63 34.29 9.63
CA GLU A 28 -6.96 33.77 9.39
C GLU A 28 -7.08 32.23 9.50
N ALA A 29 -7.17 31.77 10.75
CA ALA A 29 -7.42 30.36 11.01
C ALA A 29 -6.24 29.45 10.69
N VAL A 30 -5.22 29.98 10.03
CA VAL A 30 -4.01 29.19 9.75
C VAL A 30 -2.83 29.64 10.59
N LEU A 31 -2.33 28.74 11.43
CA LEU A 31 -1.15 29.02 12.24
C LEU A 31 0.08 28.43 11.56
N THR A 32 1.05 29.27 11.25
CA THR A 32 2.29 28.77 10.63
C THR A 32 3.45 28.74 11.63
N ILE A 33 4.02 27.56 11.83
CA ILE A 33 5.18 27.37 12.70
C ILE A 33 6.39 27.20 11.80
N GLU A 34 7.41 28.05 11.96
CA GLU A 34 8.65 27.90 11.18
C GLU A 34 9.85 27.49 12.04
N LEU A 35 10.53 26.40 11.66
CA LEU A 35 11.80 25.99 12.30
C LEU A 35 12.91 26.98 11.99
N GLN A 36 13.63 27.40 13.02
CA GLN A 36 14.64 28.45 12.84
C GLN A 36 16.05 28.13 13.34
N ARG A 37 16.67 27.10 12.77
CA ARG A 37 18.11 26.85 12.87
C ARG A 37 18.66 26.58 11.49
N PRO A 38 18.54 27.55 10.58
CA PRO A 38 18.99 27.26 9.21
C PRO A 38 20.49 27.02 9.21
N GLU A 39 21.16 27.53 10.24
CA GLU A 39 22.60 27.40 10.37
C GLU A 39 23.01 25.97 10.67
N ARG A 40 22.12 25.19 11.28
CA ARG A 40 22.32 23.74 11.38
C ARG A 40 21.25 23.01 10.56
N ARG A 41 20.88 23.60 9.42
CA ARG A 41 19.87 23.08 8.51
C ARG A 41 18.61 22.55 9.23
N ASN A 42 18.19 23.30 10.25
CA ASN A 42 16.99 22.97 11.03
C ASN A 42 16.99 21.64 11.81
N ALA A 43 18.19 21.15 12.11
CA ALA A 43 18.33 19.91 12.85
C ALA A 43 17.68 20.04 14.22
N LEU A 44 17.04 18.97 14.66
CA LEU A 44 16.28 18.97 15.91
C LEU A 44 17.13 18.73 17.14
N ASN A 45 17.18 19.72 18.03
CA ASN A 45 17.79 19.48 19.33
C ASN A 45 16.75 19.58 20.44
N SER A 46 17.21 19.46 21.69
CA SER A 46 16.30 19.45 22.85
C SER A 46 15.33 20.65 22.93
N GLN A 47 15.87 21.85 22.73
CA GLN A 47 15.07 23.04 22.85
C GLN A 47 14.14 23.25 21.66
N LEU A 48 14.65 22.95 20.47
CA LEU A 48 13.83 23.02 19.28
C LEU A 48 12.70 22.04 19.44
N VAL A 49 13.00 20.84 19.95
CA VAL A 49 11.95 19.83 20.12
C VAL A 49 10.90 20.30 21.13
N GLU A 50 11.37 20.92 22.21
CA GLU A 50 10.52 21.40 23.29
C GLU A 50 9.50 22.44 22.82
N GLU A 51 10.00 23.47 22.14
CA GLU A 51 9.19 24.60 21.73
C GLU A 51 8.15 24.17 20.70
N LEU A 52 8.54 23.23 19.86
CA LEU A 52 7.65 22.69 18.87
C LEU A 52 6.50 21.98 19.54
N THR A 53 6.80 21.00 20.38
CA THR A 53 5.77 20.33 21.16
C THR A 53 4.76 21.35 21.72
N GLN A 54 5.28 22.37 22.42
CA GLN A 54 4.43 23.40 23.02
C GLN A 54 3.58 24.11 22.01
N ALA A 55 4.25 24.59 20.96
CA ALA A 55 3.57 25.32 19.90
C ALA A 55 2.34 24.53 19.42
N ILE A 56 2.52 23.23 19.19
CA ILE A 56 1.43 22.35 18.75
C ILE A 56 0.35 22.20 19.81
N ARG A 57 0.76 21.96 21.05
CA ARG A 57 -0.22 21.81 22.11
C ARG A 57 -1.07 23.08 22.22
N LYS A 58 -0.39 24.22 22.20
CA LYS A 58 -1.06 25.50 22.39
C LYS A 58 -1.66 26.06 21.09
N ALA A 59 -1.47 25.36 19.98
CA ALA A 59 -2.13 25.77 18.73
C ALA A 59 -3.65 25.80 18.95
N GLY A 60 -4.35 26.61 18.17
CA GLY A 60 -5.78 26.78 18.41
C GLY A 60 -6.09 27.07 19.88
N ASP A 61 -5.93 28.33 20.26
CA ASP A 61 -6.07 28.77 21.65
C ASP A 61 -6.58 30.21 21.77
N GLY A 62 -6.47 31.02 20.71
CA GLY A 62 -6.01 30.56 19.41
C GLY A 62 -7.19 30.15 18.53
N SER A 63 -7.57 31.04 17.62
CA SER A 63 -8.70 30.78 16.75
C SER A 63 -8.37 29.89 15.55
N ALA A 64 -7.14 29.39 15.49
CA ALA A 64 -6.69 28.67 14.29
C ALA A 64 -7.41 27.34 14.15
N ARG A 65 -7.45 26.82 12.93
CA ARG A 65 -8.15 25.57 12.65
C ARG A 65 -7.28 24.66 11.80
N ALA A 66 -6.14 25.18 11.37
CA ALA A 66 -5.15 24.38 10.68
C ALA A 66 -3.77 24.92 10.98
N ILE A 67 -2.79 24.03 10.98
CA ILE A 67 -1.37 24.38 11.20
C ILE A 67 -0.55 24.14 9.94
N VAL A 68 0.42 25.02 9.67
CA VAL A 68 1.36 24.76 8.61
C VAL A 68 2.77 24.74 9.19
N LEU A 69 3.48 23.66 8.90
CA LEU A 69 4.83 23.42 9.42
C LEU A 69 5.86 23.46 8.29
N THR A 70 6.88 24.29 8.45
CA THR A 70 7.89 24.46 7.42
C THR A 70 9.20 24.80 8.09
N GLY A 71 10.28 24.68 7.32
CA GLY A 71 11.58 25.11 7.78
C GLY A 71 12.09 26.35 7.07
N GLN A 72 12.84 27.16 7.81
CA GLN A 72 13.49 28.34 7.28
C GLN A 72 14.80 28.03 6.56
N GLY A 73 15.12 28.78 5.51
CA GLY A 73 16.30 28.48 4.71
C GLY A 73 16.07 27.35 3.70
N THR A 74 17.12 26.54 3.49
CA THR A 74 17.17 25.58 2.38
C THR A 74 16.73 24.15 2.71
N ALA A 75 16.65 23.83 4.01
CA ALA A 75 16.26 22.50 4.46
C ALA A 75 14.98 22.53 5.29
N PHE A 76 14.17 21.49 5.16
CA PHE A 76 13.10 21.29 6.11
C PHE A 76 13.68 20.87 7.48
N CYS A 77 14.34 19.72 7.52
CA CYS A 77 15.04 19.26 8.71
C CYS A 77 16.15 18.27 8.37
N ALA A 78 17.40 18.68 8.60
CA ALA A 78 18.55 17.85 8.23
C ALA A 78 18.72 16.59 9.09
N GLY A 79 18.05 16.55 10.25
CA GLY A 79 18.14 15.40 11.14
C GLY A 79 18.13 15.81 12.60
N ALA A 80 18.94 15.12 13.42
CA ALA A 80 18.93 15.30 14.89
C ALA A 80 20.26 15.84 15.40
N ASP A 81 20.25 16.52 16.54
CA ASP A 81 21.44 17.24 16.98
C ASP A 81 21.55 17.34 18.51
N LEU A 82 22.32 16.46 19.13
CA LEU A 82 22.45 16.47 20.58
C LEU A 82 23.49 17.47 21.13
N SER A 83 23.93 18.41 20.29
CA SER A 83 24.67 19.57 20.78
C SER A 83 23.71 20.42 21.63
N GLY A 84 24.06 20.64 22.90
CA GLY A 84 23.19 21.36 23.81
C GLY A 84 23.20 20.83 25.24
N PHE A 87 23.37 18.43 27.69
CA PHE A 87 22.45 18.26 28.83
C PHE A 87 21.18 17.53 28.39
N ALA A 88 21.30 16.75 27.31
CA ALA A 88 20.15 16.16 26.65
C ALA A 88 20.24 14.64 26.48
N ALA A 89 20.00 13.90 27.56
CA ALA A 89 19.97 12.44 27.49
C ALA A 89 18.54 11.90 27.32
N ASP A 90 17.58 12.51 28.02
CA ASP A 90 16.17 12.14 27.84
C ASP A 90 15.59 12.87 26.62
N TYR A 91 16.46 13.03 25.62
CA TYR A 91 16.09 13.58 24.34
C TYR A 91 15.14 12.63 23.58
N PRO A 92 15.40 11.32 23.64
CA PRO A 92 14.49 10.37 22.96
C PRO A 92 13.06 10.45 23.46
N ASP A 93 12.85 10.70 24.76
CA ASP A 93 11.49 10.84 25.30
C ASP A 93 10.81 12.08 24.76
N ARG A 94 11.52 13.20 24.81
CA ARG A 94 11.04 14.47 24.28
C ARG A 94 10.61 14.34 22.83
N LEU A 95 11.47 13.72 22.03
CA LEU A 95 11.20 13.56 20.61
C LEU A 95 9.95 12.73 20.40
N ILE A 96 9.64 11.88 21.37
CA ILE A 96 8.44 11.04 21.32
C ILE A 96 7.20 11.80 21.74
N GLU A 97 7.37 12.75 22.65
CA GLU A 97 6.26 13.58 23.07
C GLU A 97 5.83 14.48 21.91
N LEU A 98 6.80 14.91 21.12
CA LEU A 98 6.53 15.77 20.00
C LEU A 98 5.64 15.04 18.98
N HIS A 99 5.95 13.78 18.71
CA HIS A 99 5.11 12.98 17.85
C HIS A 99 3.78 12.67 18.53
N LYS A 100 3.82 12.42 19.84
CA LYS A 100 2.59 12.18 20.55
C LYS A 100 1.68 13.40 20.41
N ALA A 101 2.28 14.59 20.46
CA ALA A 101 1.51 15.81 20.38
C ALA A 101 0.87 15.99 18.99
N MET A 102 1.63 15.70 17.95
CA MET A 102 1.12 15.87 16.58
C MET A 102 0.02 14.88 16.26
N ASP A 103 0.28 13.62 16.59
CA ASP A 103 -0.71 12.56 16.49
C ASP A 103 -2.01 12.89 17.24
N ALA A 104 -1.89 13.65 18.31
CA ALA A 104 -3.04 13.88 19.20
C ALA A 104 -3.73 15.19 18.88
N SER A 105 -3.02 16.05 18.15
CA SER A 105 -3.56 17.33 17.73
C SER A 105 -4.86 17.20 16.93
N PRO A 106 -5.93 17.86 17.43
CA PRO A 106 -7.19 17.96 16.69
C PRO A 106 -6.98 18.66 15.35
N MET A 107 -6.07 19.62 15.27
CA MET A 107 -5.91 20.31 13.99
C MET A 107 -5.01 19.61 13.01
N PRO A 108 -5.34 19.73 11.71
CA PRO A 108 -4.52 19.11 10.67
C PRO A 108 -3.27 19.93 10.44
N VAL A 109 -2.14 19.24 10.20
CA VAL A 109 -0.84 19.86 10.01
C VAL A 109 -0.38 19.62 8.59
N VAL A 110 -0.22 20.71 7.84
CA VAL A 110 0.25 20.69 6.46
C VAL A 110 1.74 21.00 6.42
N GLY A 111 2.52 20.02 5.97
CA GLY A 111 3.96 20.16 5.93
C GLY A 111 4.41 20.82 4.65
N ALA A 112 5.00 22.01 4.79
CA ALA A 112 5.61 22.66 3.66
C ALA A 112 7.09 22.25 3.63
N ILE A 113 7.36 21.07 3.09
CA ILE A 113 8.71 20.52 3.02
C ILE A 113 9.54 21.31 2.00
N ASN A 114 10.26 22.32 2.48
CA ASN A 114 10.88 23.34 1.65
C ASN A 114 12.24 22.93 1.17
N GLY A 115 12.81 21.93 1.83
CA GLY A 115 14.09 21.39 1.44
C GLY A 115 14.19 19.98 1.98
N PRO A 116 15.39 19.39 1.87
CA PRO A 116 15.66 18.02 2.34
C PRO A 116 15.16 17.75 3.76
N ALA A 117 14.51 16.60 3.90
CA ALA A 117 14.09 16.12 5.21
C ALA A 117 14.76 14.77 5.37
N ILE A 118 15.65 14.65 6.35
CA ILE A 118 16.51 13.49 6.51
C ILE A 118 16.51 12.96 7.95
N GLY A 119 16.35 11.66 8.11
CA GLY A 119 16.43 11.05 9.42
C GLY A 119 15.25 11.45 10.30
N ALA A 120 15.55 12.09 11.44
CA ALA A 120 14.51 12.56 12.33
C ALA A 120 13.63 13.54 11.55
N GLY A 121 14.26 14.23 10.60
CA GLY A 121 13.59 15.17 9.73
C GLY A 121 12.56 14.52 8.82
N LEU A 122 12.86 13.33 8.32
CA LEU A 122 11.89 12.55 7.55
C LEU A 122 10.76 12.05 8.44
N GLN A 123 11.11 11.56 9.64
CA GLN A 123 10.11 11.21 10.65
C GLN A 123 9.10 12.34 10.96
N LEU A 124 9.60 13.55 11.14
CA LEU A 124 8.81 14.74 11.42
C LEU A 124 7.93 15.04 10.23
N ALA A 125 8.52 15.02 9.02
CA ALA A 125 7.71 15.20 7.84
C ALA A 125 6.56 14.17 7.74
N MET A 126 6.80 12.91 8.13
CA MET A 126 5.75 11.90 7.95
C MET A 126 4.65 12.01 9.00
N GLN A 127 4.91 12.77 10.05
CA GLN A 127 3.94 12.90 11.12
C GLN A 127 2.99 14.04 10.79
N CYS A 128 3.42 14.91 9.88
CA CYS A 128 2.51 15.84 9.27
C CYS A 128 1.35 15.05 8.69
N ASP A 129 0.20 15.70 8.55
CA ASP A 129 -0.99 15.04 8.01
C ASP A 129 -1.02 15.09 6.49
N LEU A 130 -0.42 16.11 5.91
CA LEU A 130 -0.33 16.27 4.46
C LEU A 130 0.98 16.97 4.10
N ARG A 131 1.43 16.79 2.87
CA ARG A 131 2.74 17.34 2.51
C ARG A 131 2.79 18.09 1.18
N VAL A 132 3.19 19.36 1.24
CA VAL A 132 3.47 20.12 0.03
C VAL A 132 4.96 20.26 -0.10
N VAL A 133 5.51 19.70 -1.17
CA VAL A 133 6.95 19.53 -1.26
C VAL A 133 7.58 20.42 -2.33
N ALA A 134 8.57 21.22 -1.92
CA ALA A 134 9.36 22.01 -2.86
C ALA A 134 10.06 21.07 -3.84
N PRO A 135 10.21 21.51 -5.07
CA PRO A 135 10.66 20.58 -6.10
C PRO A 135 12.10 20.15 -5.90
N ASP A 136 12.82 20.81 -5.00
CA ASP A 136 14.21 20.49 -4.74
C ASP A 136 14.47 19.70 -3.46
N ALA A 137 13.42 19.35 -2.73
CA ALA A 137 13.60 18.61 -1.50
C ALA A 137 13.76 17.16 -1.87
N PHE A 138 14.31 16.37 -0.93
CA PHE A 138 14.36 14.91 -1.03
C PHE A 138 14.28 14.32 0.37
N PHE A 139 14.05 13.01 0.44
CA PHE A 139 13.80 12.33 1.71
C PHE A 139 14.78 11.18 1.90
N GLN A 140 15.20 10.93 3.13
CA GLN A 140 16.18 9.88 3.35
C GLN A 140 16.31 9.42 4.79
N PHE A 141 16.27 8.10 4.98
CA PHE A 141 16.82 7.44 6.18
C PHE A 141 18.19 6.92 5.82
N PRO A 142 19.24 7.69 6.12
CA PRO A 142 20.58 7.22 5.84
C PRO A 142 21.05 6.26 6.93
N THR A 143 20.11 5.55 7.52
CA THR A 143 20.39 4.75 8.70
C THR A 143 21.33 3.53 8.47
N SER A 144 21.35 2.97 7.28
CA SER A 144 22.23 1.85 7.03
C SER A 144 23.65 2.34 6.73
N LYS A 145 23.82 3.64 6.53
CA LYS A 145 25.17 4.17 6.39
C LYS A 145 25.82 4.37 7.78
N TYR A 146 25.01 4.43 8.82
CA TYR A 146 25.54 4.78 10.13
C TYR A 146 25.36 3.67 11.15
N GLY A 147 24.91 2.53 10.65
CA GLY A 147 24.76 1.31 11.43
C GLY A 147 23.71 1.37 12.53
N LEU A 148 22.59 2.06 12.26
CA LEU A 148 21.57 2.29 13.28
C LEU A 148 20.26 1.60 12.93
N ALA A 149 19.29 1.67 13.83
CA ALA A 149 18.00 1.02 13.63
C ALA A 149 16.88 1.99 13.97
N LEU A 150 15.75 1.88 13.25
CA LEU A 150 14.58 2.74 13.44
C LEU A 150 13.55 2.11 14.36
N ASP A 151 12.66 2.93 14.92
CA ASP A 151 11.46 2.43 15.59
C ASP A 151 10.48 1.92 14.56
N ASN A 152 9.57 1.05 14.96
CA ASN A 152 8.66 0.46 13.98
C ASN A 152 7.75 1.40 13.20
N TRP A 153 7.30 2.49 13.82
CA TRP A 153 6.37 3.40 13.18
C TRP A 153 7.00 4.05 11.94
N SER A 154 8.26 4.47 12.09
CA SER A 154 8.97 5.07 10.99
C SER A 154 8.96 4.12 9.81
N ILE A 155 9.17 2.84 10.06
CA ILE A 155 9.20 1.88 8.96
C ILE A 155 7.79 1.58 8.42
N ARG A 156 6.77 1.59 9.27
CA ARG A 156 5.43 1.28 8.80
C ARG A 156 4.84 2.45 8.02
N ARG A 157 5.02 3.65 8.55
CA ARG A 157 4.45 4.83 7.92
C ARG A 157 5.16 5.05 6.62
N LEU A 158 6.46 4.86 6.61
CA LEU A 158 7.22 5.02 5.38
C LEU A 158 6.70 4.08 4.29
N SER A 159 6.49 2.81 4.65
CA SER A 159 5.94 1.84 3.71
C SER A 159 4.58 2.27 3.20
N SER A 160 3.73 2.82 4.08
CA SER A 160 2.42 3.30 3.67
C SER A 160 2.55 4.43 2.65
N LEU A 161 3.56 5.27 2.82
CA LEU A 161 3.72 6.46 2.01
C LEU A 161 4.47 6.31 0.69
N VAL A 162 5.37 5.34 0.58
CA VAL A 162 6.10 5.16 -0.68
C VAL A 162 5.95 3.77 -1.29
N GLY A 163 5.20 2.90 -0.61
CA GLY A 163 5.06 1.51 -0.98
C GLY A 163 6.19 0.65 -0.41
N HIS A 164 5.86 -0.60 -0.09
CA HIS A 164 6.79 -1.50 0.55
C HIS A 164 8.10 -1.60 -0.27
N GLY A 165 7.97 -1.79 -1.59
CA GLY A 165 9.13 -1.93 -2.45
C GLY A 165 10.15 -0.79 -2.36
N ARG A 166 9.68 0.45 -2.47
CA ARG A 166 10.60 1.56 -2.31
C ARG A 166 11.09 1.69 -0.88
N ALA A 167 10.28 1.28 0.08
CA ALA A 167 10.72 1.36 1.46
C ALA A 167 11.89 0.41 1.74
N ARG A 168 11.86 -0.79 1.18
CA ARG A 168 12.95 -1.73 1.35
C ARG A 168 14.26 -1.10 0.85
N ALA A 169 14.16 -0.38 -0.27
CA ALA A 169 15.30 0.26 -0.89
C ALA A 169 15.79 1.44 -0.05
N MET A 170 14.87 2.26 0.41
CA MET A 170 15.26 3.42 1.19
C MET A 170 15.89 3.00 2.51
N LEU A 171 15.42 1.87 3.05
CA LEU A 171 15.86 1.38 4.34
C LEU A 171 17.15 0.58 4.24
N LEU A 172 17.22 -0.35 3.28
CA LEU A 172 18.37 -1.27 3.14
C LEU A 172 19.59 -0.70 2.37
N SER A 173 19.44 0.44 1.70
CA SER A 173 20.59 1.08 1.04
C SER A 173 20.58 2.62 1.01
N ALA A 174 19.94 3.24 1.99
CA ALA A 174 19.94 4.70 2.12
C ALA A 174 19.59 5.41 0.82
N GLU A 175 18.67 4.83 0.06
CA GLU A 175 18.18 5.45 -1.16
C GLU A 175 17.37 6.73 -0.89
N LYS A 176 17.73 7.81 -1.57
CA LYS A 176 17.03 9.09 -1.45
C LYS A 176 15.77 9.11 -2.30
N LEU A 177 14.67 9.63 -1.75
CA LEU A 177 13.44 9.82 -2.50
C LEU A 177 13.31 11.28 -2.93
N THR A 178 13.34 11.53 -4.25
CA THR A 178 13.22 12.88 -4.77
C THR A 178 11.77 13.42 -4.74
N ALA A 179 11.61 14.73 -4.82
CA ALA A 179 10.28 15.32 -4.78
C ALA A 179 9.39 14.70 -5.84
N GLU A 180 9.97 14.44 -7.01
CA GLU A 180 9.25 13.83 -8.10
C GLU A 180 8.68 12.45 -7.76
N ILE A 181 9.50 11.54 -7.25
CA ILE A 181 8.99 10.21 -6.87
C ILE A 181 8.10 10.28 -5.61
N ALA A 182 8.40 11.20 -4.70
CA ALA A 182 7.50 11.41 -3.59
C ALA A 182 6.08 11.76 -4.08
N LEU A 183 5.98 12.66 -5.05
CA LEU A 183 4.71 12.97 -5.72
C LEU A 183 4.07 11.73 -6.31
N HIS A 184 4.89 10.96 -7.00
CA HIS A 184 4.49 9.71 -7.62
C HIS A 184 3.85 8.75 -6.62
N THR A 185 4.45 8.59 -5.44
CA THR A 185 4.03 7.55 -4.50
C THR A 185 3.01 8.00 -3.51
N GLY A 186 2.96 9.31 -3.24
CA GLY A 186 2.02 9.84 -2.28
C GLY A 186 2.66 10.47 -1.05
N MET A 187 3.97 10.33 -0.93
CA MET A 187 4.72 10.98 0.15
C MET A 187 4.42 12.48 0.06
N ALA A 188 4.50 13.02 -1.15
CA ALA A 188 4.08 14.39 -1.43
C ALA A 188 2.71 14.43 -2.13
N ASN A 189 1.76 15.11 -1.48
CA ASN A 189 0.43 15.34 -2.03
C ASN A 189 0.49 16.30 -3.22
N ARG A 190 1.35 17.32 -3.07
CA ARG A 190 1.48 18.36 -4.06
C ARG A 190 2.92 18.79 -4.05
N ILE A 191 3.40 19.26 -5.20
CA ILE A 191 4.68 19.94 -5.25
C ILE A 191 4.39 21.43 -5.32
N GLY A 192 4.92 22.21 -4.37
CA GLY A 192 4.58 23.62 -4.29
C GLY A 192 5.37 24.40 -3.27
N THR A 193 4.96 25.62 -3.02
CA THR A 193 5.70 26.48 -2.13
C THR A 193 5.10 26.50 -0.73
N LEU A 194 5.71 27.25 0.18
CA LEU A 194 5.06 27.55 1.44
C LEU A 194 3.68 28.23 1.17
N ALA A 195 3.67 29.19 0.26
CA ALA A 195 2.43 29.88 -0.08
C ALA A 195 1.35 28.89 -0.47
N ASP A 196 1.71 27.87 -1.25
CA ASP A 196 0.73 26.89 -1.72
C ASP A 196 0.15 26.13 -0.57
N ALA A 197 1.03 25.70 0.32
CA ALA A 197 0.65 24.97 1.52
C ALA A 197 -0.26 25.84 2.37
N GLN A 198 0.07 27.12 2.48
CA GLN A 198 -0.73 28.01 3.29
C GLN A 198 -2.14 28.25 2.73
N ALA A 199 -2.23 28.34 1.41
CA ALA A 199 -3.51 28.45 0.74
C ALA A 199 -4.33 27.19 0.99
N TRP A 200 -3.70 26.04 0.80
CA TRP A 200 -4.39 24.78 1.06
C TRP A 200 -4.85 24.68 2.49
N ALA A 201 -4.05 25.16 3.44
CA ALA A 201 -4.46 25.07 4.85
C ALA A 201 -5.71 25.93 5.12
N ALA A 202 -5.75 27.11 4.52
CA ALA A 202 -6.89 28.01 4.63
C ALA A 202 -8.21 27.40 4.14
N GLU A 203 -8.15 26.63 3.06
CA GLU A 203 -9.31 25.85 2.65
C GLU A 203 -9.67 24.83 3.70
N ILE A 204 -8.66 24.12 4.16
CA ILE A 204 -8.87 23.04 5.10
C ILE A 204 -9.48 23.57 6.39
N ALA A 205 -9.05 24.76 6.79
CA ALA A 205 -9.62 25.44 7.95
C ALA A 205 -11.10 25.90 7.77
N ARG A 206 -11.67 25.72 6.59
CA ARG A 206 -13.08 26.05 6.41
C ARG A 206 -13.92 24.79 6.30
N LEU A 207 -13.28 23.62 6.43
CA LEU A 207 -13.99 22.35 6.45
C LEU A 207 -14.42 21.98 7.88
N ALA A 208 -15.20 20.91 8.02
CA ALA A 208 -15.74 20.57 9.34
C ALA A 208 -14.68 19.94 10.24
N PRO A 209 -14.31 20.64 11.33
CA PRO A 209 -13.33 20.11 12.28
C PRO A 209 -13.63 18.67 12.73
N LEU A 210 -14.82 18.37 13.23
CA LEU A 210 -15.10 17.02 13.71
C LEU A 210 -14.86 15.96 12.65
N ALA A 211 -15.25 16.24 11.42
CA ALA A 211 -15.05 15.31 10.32
C ALA A 211 -13.55 15.05 10.10
N ILE A 212 -12.75 16.10 10.31
CA ILE A 212 -11.32 16.05 10.09
C ILE A 212 -10.64 15.27 11.22
N GLN A 213 -11.09 15.52 12.45
CA GLN A 213 -10.56 14.85 13.62
C GLN A 213 -10.78 13.35 13.55
N HIS A 214 -11.95 12.94 13.10
CA HIS A 214 -12.25 11.53 12.98
C HIS A 214 -11.30 10.83 12.01
N ALA A 215 -11.24 11.36 10.79
CA ALA A 215 -10.42 10.81 9.74
C ALA A 215 -8.95 10.73 10.17
N LYS A 216 -8.43 11.81 10.73
CA LYS A 216 -7.06 11.84 11.18
C LYS A 216 -6.78 10.69 12.15
N ARG A 217 -7.60 10.57 13.19
CA ARG A 217 -7.45 9.49 14.16
C ARG A 217 -7.49 8.13 13.48
N VAL A 218 -8.49 7.91 12.65
CA VAL A 218 -8.66 6.60 12.03
C VAL A 218 -7.47 6.25 11.14
N LEU A 219 -7.03 7.23 10.34
CA LEU A 219 -5.85 7.07 9.50
C LEU A 219 -4.58 6.74 10.31
N ASN A 220 -4.30 7.51 11.34
CA ASN A 220 -3.14 7.26 12.18
C ASN A 220 -3.19 5.92 12.88
N ASP A 221 -4.38 5.36 13.06
CA ASP A 221 -4.51 4.04 13.65
C ASP A 221 -4.55 2.90 12.61
N ASP A 222 -3.90 3.08 11.47
CA ASP A 222 -3.90 2.04 10.45
C ASP A 222 -2.99 0.89 10.82
N GLY A 223 -2.43 0.94 12.03
CA GLY A 223 -1.49 -0.08 12.49
C GLY A 223 -0.03 0.37 12.50
N ALA A 224 0.28 1.53 11.94
CA ALA A 224 1.66 1.98 11.85
C ALA A 224 2.25 2.36 13.22
N ILE A 225 1.39 2.78 14.14
CA ILE A 225 1.86 2.97 15.50
C ILE A 225 2.00 1.58 16.10
N GLU A 226 3.17 0.96 15.90
CA GLU A 226 3.38 -0.44 16.24
C GLU A 226 4.53 -0.65 17.22
N GLU A 227 4.27 -1.46 18.23
CA GLU A 227 5.25 -1.80 19.24
C GLU A 227 6.26 -2.81 18.69
N ALA A 228 7.54 -2.51 18.87
CA ALA A 228 8.61 -3.41 18.45
C ALA A 228 8.44 -4.81 19.06
N TRP A 229 8.48 -5.85 18.23
CA TRP A 229 8.47 -7.23 18.73
C TRP A 229 9.76 -7.52 19.46
N PRO A 230 9.78 -8.61 20.24
CA PRO A 230 11.01 -8.97 20.94
C PRO A 230 12.20 -9.01 19.99
N ALA A 231 12.08 -9.77 18.90
CA ALA A 231 13.13 -9.84 17.89
C ALA A 231 13.59 -8.48 17.36
N HIS A 232 12.65 -7.56 17.10
CA HIS A 232 13.01 -6.23 16.61
C HIS A 232 13.84 -5.47 17.66
N LYS A 233 13.36 -5.51 18.90
CA LYS A 233 13.98 -4.78 19.98
C LYS A 233 15.41 -5.27 20.17
N GLU A 234 15.60 -6.56 19.96
CA GLU A 234 16.92 -7.15 20.06
C GLU A 234 17.88 -6.60 19.00
N LEU A 235 17.57 -6.83 17.73
CA LEU A 235 18.38 -6.31 16.61
C LEU A 235 18.62 -4.81 16.71
N PHE A 236 17.62 -4.10 17.19
CA PHE A 236 17.71 -2.67 17.40
C PHE A 236 18.85 -2.37 18.36
N ASP A 237 18.87 -3.10 19.48
CA ASP A 237 19.88 -2.94 20.52
C ASP A 237 21.27 -3.38 20.04
N LYS A 238 21.34 -4.50 19.33
CA LYS A 238 22.60 -4.95 18.76
C LYS A 238 23.22 -3.88 17.87
N ALA A 239 22.38 -3.27 17.04
CA ALA A 239 22.86 -2.25 16.10
C ALA A 239 23.35 -1.01 16.84
N TRP A 240 22.49 -0.45 17.68
CA TRP A 240 22.84 0.72 18.48
C TRP A 240 24.09 0.50 19.35
N GLY A 241 24.26 -0.70 19.88
CA GLY A 241 25.39 -0.95 20.75
C GLY A 241 26.60 -1.53 20.04
N SER A 242 26.63 -1.37 18.73
CA SER A 242 27.68 -1.99 17.95
C SER A 242 28.87 -1.05 17.76
N GLN A 243 30.03 -1.65 17.56
CA GLN A 243 31.22 -0.94 17.17
C GLN A 243 31.09 -0.27 15.78
N ASP A 244 30.30 -0.87 14.89
CA ASP A 244 30.14 -0.33 13.54
C ASP A 244 29.58 1.06 13.57
N VAL A 245 28.97 1.41 14.69
CA VAL A 245 28.48 2.76 14.86
C VAL A 245 29.68 3.67 15.02
N ILE A 246 30.65 3.27 15.84
CA ILE A 246 31.85 4.09 15.98
C ILE A 246 32.56 4.26 14.64
N GLU A 247 32.72 3.16 13.90
CA GLU A 247 33.40 3.19 12.60
C GLU A 247 32.68 4.12 11.59
N ALA A 248 31.35 4.12 11.62
CA ALA A 248 30.57 4.98 10.74
C ALA A 248 30.84 6.46 11.00
N GLN A 249 30.84 6.86 12.26
CA GLN A 249 31.09 8.27 12.57
C GLN A 249 32.52 8.69 12.22
N VAL A 250 33.49 7.81 12.50
CA VAL A 250 34.90 8.10 12.23
C VAL A 250 35.15 8.21 10.73
N ALA A 251 34.66 7.21 9.99
CA ALA A 251 34.77 7.20 8.54
C ALA A 251 34.14 8.45 7.92
N ARG A 252 32.94 8.80 8.36
CA ARG A 252 32.27 10.00 7.91
C ARG A 252 33.16 11.21 8.17
N MET A 253 33.51 11.41 9.42
CA MET A 253 34.29 12.57 9.79
C MET A 253 35.51 12.78 8.88
N GLU A 254 36.12 11.69 8.42
CA GLU A 254 37.33 11.76 7.58
C GLU A 254 37.06 11.63 6.08
N LYS A 255 35.80 11.84 5.67
CA LYS A 255 35.42 11.75 4.25
C LYS A 255 35.98 10.49 3.60
N ARG A 256 35.80 9.33 4.25
CA ARG A 256 36.32 8.06 3.73
C ARG A 256 35.31 6.92 3.88
N PRO A 257 35.39 5.89 3.03
CA PRO A 257 34.46 4.74 3.13
C PRO A 257 34.61 3.89 4.41
N PRO A 258 33.48 3.53 5.05
CA PRO A 258 33.52 2.72 6.28
C PRO A 258 34.03 1.31 6.00
N LYS A 259 34.73 0.72 6.97
CA LYS A 259 35.11 -0.67 6.88
C LYS A 259 34.39 -1.46 7.97
N PHE A 260 33.08 -1.62 7.79
CA PHE A 260 32.23 -2.29 8.78
C PHE A 260 32.63 -3.72 9.06
N GLN A 261 32.14 -4.25 10.17
CA GLN A 261 32.51 -5.60 10.59
C GLN A 261 31.27 -6.42 10.94
N GLY A 262 30.14 -5.74 11.04
CA GLY A 262 28.92 -6.40 11.43
C GLY A 262 28.93 -6.75 12.90
N ALA A 263 29.58 -5.92 13.70
CA ALA A 263 29.68 -6.13 15.15
C ALA A 263 29.69 -4.80 15.88
N HIS B 20 -37.73 -2.43 -11.21
CA HIS B 20 -38.16 -1.05 -11.49
C HIS B 20 -37.01 -0.04 -11.41
N MET B 21 -36.12 -0.22 -10.42
CA MET B 21 -34.98 0.71 -10.21
C MET B 21 -33.60 0.23 -10.66
N ILE B 22 -33.49 -1.01 -11.13
CA ILE B 22 -32.26 -1.50 -11.74
C ILE B 22 -32.56 -2.36 -12.97
N GLY B 23 -31.56 -2.54 -13.84
CA GLY B 23 -31.69 -3.37 -15.03
C GLY B 23 -30.76 -4.57 -15.03
N ILE B 24 -31.25 -5.71 -15.51
CA ILE B 24 -30.45 -6.93 -15.52
C ILE B 24 -30.48 -7.60 -16.88
N THR B 25 -29.31 -7.86 -17.44
CA THR B 25 -29.21 -8.57 -18.69
C THR B 25 -28.01 -9.48 -18.62
N GLN B 26 -27.99 -10.52 -19.45
CA GLN B 26 -26.91 -11.49 -19.39
C GLN B 26 -26.41 -11.84 -20.77
N ALA B 27 -25.10 -12.05 -20.92
CA ALA B 27 -24.52 -12.45 -22.19
C ALA B 27 -23.25 -13.29 -22.03
N GLU B 28 -23.32 -14.56 -22.42
CA GLU B 28 -22.13 -15.39 -22.37
C GLU B 28 -21.56 -15.43 -20.95
N ALA B 29 -22.37 -15.92 -20.01
CA ALA B 29 -21.89 -16.12 -18.65
C ALA B 29 -21.56 -14.83 -17.90
N VAL B 30 -21.91 -13.68 -18.47
CA VAL B 30 -21.71 -12.39 -17.80
C VAL B 30 -23.01 -11.65 -17.52
N LEU B 31 -23.33 -11.53 -16.23
CA LEU B 31 -24.53 -10.83 -15.78
C LEU B 31 -24.21 -9.35 -15.63
N THR B 32 -24.98 -8.49 -16.29
CA THR B 32 -24.76 -7.05 -16.17
C THR B 32 -25.89 -6.42 -15.37
N ILE B 33 -25.53 -5.66 -14.36
CA ILE B 33 -26.51 -5.01 -13.50
C ILE B 33 -26.29 -3.50 -13.58
N GLU B 34 -27.33 -2.79 -14.00
CA GLU B 34 -27.24 -1.35 -14.27
C GLU B 34 -28.12 -0.55 -13.33
N LEU B 35 -27.53 0.36 -12.55
CA LEU B 35 -28.30 1.30 -11.73
C LEU B 35 -29.10 2.24 -12.61
N GLN B 36 -30.42 2.24 -12.43
CA GLN B 36 -31.30 3.03 -13.27
C GLN B 36 -32.11 4.04 -12.47
N ARG B 37 -31.41 5.03 -11.91
CA ARG B 37 -32.03 6.15 -11.22
C ARG B 37 -31.24 7.38 -11.67
N PRO B 38 -31.14 7.55 -13.00
CA PRO B 38 -30.31 8.59 -13.63
C PRO B 38 -30.83 10.00 -13.38
N GLU B 39 -32.12 10.12 -13.06
CA GLU B 39 -32.70 11.43 -12.74
C GLU B 39 -32.18 11.99 -11.43
N ARG B 40 -31.59 11.13 -10.60
CA ARG B 40 -30.95 11.58 -9.37
C ARG B 40 -29.49 11.18 -9.40
N ARG B 41 -28.96 10.96 -10.60
CA ARG B 41 -27.57 10.50 -10.75
C ARG B 41 -27.29 9.22 -9.96
N ASN B 42 -28.23 8.28 -10.05
CA ASN B 42 -28.08 6.95 -9.49
C ASN B 42 -27.91 6.89 -7.97
N ALA B 43 -28.24 7.97 -7.27
CA ALA B 43 -28.14 7.98 -5.81
C ALA B 43 -29.00 6.89 -5.15
N LEU B 44 -28.53 6.38 -4.03
CA LEU B 44 -29.13 5.20 -3.43
C LEU B 44 -30.25 5.52 -2.46
N ASN B 45 -31.17 4.56 -2.32
CA ASN B 45 -32.18 4.61 -1.29
C ASN B 45 -32.66 3.19 -1.06
N SER B 46 -33.66 3.02 -0.21
CA SER B 46 -34.11 1.70 0.18
C SER B 46 -34.34 0.80 -1.01
N GLN B 47 -35.26 1.20 -1.88
CA GLN B 47 -35.61 0.35 -2.99
C GLN B 47 -34.38 -0.06 -3.81
N LEU B 48 -33.62 0.92 -4.28
CA LEU B 48 -32.48 0.66 -5.15
C LEU B 48 -31.47 -0.29 -4.47
N VAL B 49 -31.12 0.02 -3.23
CA VAL B 49 -30.24 -0.83 -2.44
C VAL B 49 -30.83 -2.24 -2.31
N GLU B 50 -32.11 -2.33 -1.96
CA GLU B 50 -32.76 -3.62 -1.77
C GLU B 50 -32.74 -4.49 -3.02
N GLU B 51 -32.94 -3.88 -4.18
CA GLU B 51 -33.07 -4.62 -5.43
C GLU B 51 -31.70 -5.05 -5.91
N LEU B 52 -30.73 -4.17 -5.74
CA LEU B 52 -29.35 -4.51 -6.01
C LEU B 52 -28.88 -5.72 -5.20
N THR B 53 -29.25 -5.78 -3.93
CA THR B 53 -28.90 -6.93 -3.12
C THR B 53 -29.48 -8.23 -3.70
N GLN B 54 -30.76 -8.24 -4.03
CA GLN B 54 -31.41 -9.43 -4.57
C GLN B 54 -30.70 -9.89 -5.84
N ALA B 55 -30.29 -8.93 -6.64
CA ALA B 55 -29.67 -9.25 -7.92
C ALA B 55 -28.32 -9.91 -7.70
N ILE B 56 -27.50 -9.35 -6.82
CA ILE B 56 -26.21 -9.94 -6.53
C ILE B 56 -26.41 -11.39 -6.11
N ARG B 57 -27.24 -11.59 -5.10
CA ARG B 57 -27.41 -12.92 -4.53
C ARG B 57 -27.89 -13.94 -5.55
N LYS B 58 -28.92 -13.58 -6.30
CA LYS B 58 -29.50 -14.52 -7.24
C LYS B 58 -28.71 -14.60 -8.55
N ALA B 59 -27.59 -13.89 -8.63
CA ALA B 59 -26.68 -13.96 -9.79
C ALA B 59 -26.14 -15.38 -9.91
N GLY B 60 -25.96 -15.86 -11.13
CA GLY B 60 -25.60 -17.25 -11.35
C GLY B 60 -26.62 -18.20 -10.73
N ASP B 61 -27.81 -18.24 -11.31
CA ASP B 61 -28.92 -19.06 -10.81
C ASP B 61 -29.70 -19.82 -11.89
N GLY B 62 -29.46 -19.49 -13.17
CA GLY B 62 -28.43 -18.56 -13.55
C GLY B 62 -27.14 -19.30 -13.81
N SER B 63 -26.58 -19.07 -15.00
CA SER B 63 -25.37 -19.75 -15.42
C SER B 63 -24.19 -18.80 -15.41
N ALA B 64 -24.31 -17.70 -14.68
CA ALA B 64 -23.31 -16.66 -14.79
C ALA B 64 -22.11 -16.93 -13.91
N ARG B 65 -20.92 -16.65 -14.45
CA ARG B 65 -19.70 -16.79 -13.68
C ARG B 65 -19.02 -15.45 -13.51
N ALA B 66 -19.68 -14.38 -13.91
CA ALA B 66 -19.17 -13.04 -13.63
C ALA B 66 -20.22 -11.94 -13.76
N ILE B 67 -20.09 -10.93 -12.90
CA ILE B 67 -21.02 -9.82 -12.85
C ILE B 67 -20.34 -8.54 -13.29
N VAL B 68 -21.01 -7.75 -14.13
CA VAL B 68 -20.58 -6.38 -14.39
C VAL B 68 -21.59 -5.41 -13.77
N LEU B 69 -21.09 -4.42 -13.04
CA LEU B 69 -21.93 -3.49 -12.32
C LEU B 69 -21.69 -2.07 -12.79
N THR B 70 -22.77 -1.41 -13.22
CA THR B 70 -22.67 -0.08 -13.82
C THR B 70 -23.92 0.80 -13.67
N GLY B 71 -23.79 2.06 -14.10
CA GLY B 71 -24.83 3.04 -13.96
C GLY B 71 -25.31 3.66 -15.28
N GLN B 72 -26.60 3.98 -15.30
CA GLN B 72 -27.22 4.65 -16.43
C GLN B 72 -26.93 6.16 -16.35
N GLY B 73 -26.88 6.79 -17.51
CA GLY B 73 -26.67 8.23 -17.55
C GLY B 73 -25.26 8.64 -17.20
N THR B 74 -25.11 9.87 -16.74
CA THR B 74 -23.80 10.48 -16.70
C THR B 74 -22.93 10.03 -15.52
N ALA B 75 -23.55 9.40 -14.52
CA ALA B 75 -22.87 9.07 -13.26
C ALA B 75 -23.03 7.60 -12.86
N PHE B 76 -21.96 7.04 -12.29
CA PHE B 76 -22.03 5.70 -11.71
C PHE B 76 -22.91 5.70 -10.45
N CYS B 77 -22.60 6.58 -9.51
CA CYS B 77 -23.44 6.73 -8.34
C CYS B 77 -23.00 7.90 -7.46
N ALA B 78 -23.88 8.90 -7.34
CA ALA B 78 -23.53 10.18 -6.74
C ALA B 78 -23.71 10.27 -5.22
N GLY B 79 -24.16 9.20 -4.57
CA GLY B 79 -24.33 9.17 -3.12
C GLY B 79 -25.66 8.57 -2.74
N ALA B 80 -26.35 9.20 -1.78
CA ALA B 80 -27.63 8.69 -1.32
C ALA B 80 -28.68 9.78 -1.33
N ASP B 81 -29.91 9.43 -1.71
CA ASP B 81 -31.02 10.37 -1.64
C ASP B 81 -32.23 9.76 -0.98
N LEU B 82 -32.32 9.94 0.34
CA LEU B 82 -33.43 9.42 1.12
C LEU B 82 -34.72 10.20 0.83
N SER B 83 -34.60 11.26 0.04
CA SER B 83 -35.76 12.05 -0.34
C SER B 83 -36.86 11.10 -0.83
N GLY B 84 -38.07 11.30 -0.31
CA GLY B 84 -39.23 10.51 -0.70
C GLY B 84 -39.23 9.07 -0.21
N ASP B 85 -38.13 8.66 0.42
CA ASP B 85 -37.95 7.26 0.80
C ASP B 85 -38.75 6.92 2.05
N ALA B 86 -39.68 5.96 1.92
CA ALA B 86 -40.58 5.59 2.99
C ALA B 86 -39.91 4.72 4.07
N PHE B 87 -39.01 3.85 3.65
CA PHE B 87 -38.31 2.96 4.56
C PHE B 87 -36.92 3.52 4.92
N ALA B 88 -36.80 4.84 4.81
CA ALA B 88 -35.53 5.54 5.02
C ALA B 88 -34.89 5.36 6.41
N ALA B 89 -35.71 5.01 7.40
CA ALA B 89 -35.19 4.81 8.74
C ALA B 89 -34.09 3.77 8.74
N ASP B 90 -34.38 2.60 8.19
CA ASP B 90 -33.52 1.43 8.31
C ASP B 90 -32.63 1.20 7.09
N TYR B 91 -32.56 2.22 6.24
CA TYR B 91 -31.67 2.21 5.07
C TYR B 91 -30.20 1.89 5.42
N PRO B 92 -29.71 2.39 6.57
CA PRO B 92 -28.32 2.13 6.93
C PRO B 92 -27.99 0.63 7.08
N ASP B 93 -28.98 -0.17 7.47
CA ASP B 93 -28.79 -1.60 7.63
C ASP B 93 -28.89 -2.30 6.28
N ARG B 94 -29.97 -2.02 5.57
CA ARG B 94 -30.12 -2.39 4.17
C ARG B 94 -28.81 -2.19 3.39
N LEU B 95 -28.11 -1.09 3.69
CA LEU B 95 -26.91 -0.76 2.94
C LEU B 95 -25.77 -1.68 3.32
N ILE B 96 -25.67 -2.00 4.60
CA ILE B 96 -24.65 -2.95 5.05
C ILE B 96 -24.88 -4.33 4.41
N GLU B 97 -26.14 -4.71 4.27
CA GLU B 97 -26.49 -5.99 3.64
C GLU B 97 -26.03 -6.06 2.20
N LEU B 98 -26.15 -4.96 1.46
CA LEU B 98 -25.66 -4.94 0.08
C LEU B 98 -24.17 -5.25 0.02
N HIS B 99 -23.40 -4.57 0.87
CA HIS B 99 -21.97 -4.82 0.97
C HIS B 99 -21.64 -6.25 1.38
N LYS B 100 -22.31 -6.71 2.44
CA LYS B 100 -22.19 -8.10 2.84
C LYS B 100 -22.44 -9.06 1.68
N ALA B 101 -23.48 -8.79 0.90
CA ALA B 101 -23.86 -9.68 -0.22
C ALA B 101 -22.81 -9.71 -1.31
N MET B 102 -22.21 -8.56 -1.59
CA MET B 102 -21.13 -8.42 -2.56
C MET B 102 -19.84 -9.11 -2.09
N ASP B 103 -19.43 -8.77 -0.86
CA ASP B 103 -18.30 -9.38 -0.20
C ASP B 103 -18.34 -10.90 -0.24
N ALA B 104 -19.54 -11.46 -0.08
CA ALA B 104 -19.70 -12.91 0.02
C ALA B 104 -20.04 -13.59 -1.30
N SER B 105 -20.28 -12.85 -2.37
CA SER B 105 -20.55 -13.52 -3.63
C SER B 105 -19.31 -14.25 -4.14
N PRO B 106 -19.50 -15.47 -4.66
CA PRO B 106 -18.39 -16.17 -5.31
C PRO B 106 -18.15 -15.54 -6.67
N MET B 107 -19.06 -14.69 -7.13
CA MET B 107 -18.94 -14.05 -8.43
C MET B 107 -17.97 -12.87 -8.34
N PRO B 108 -16.95 -12.85 -9.21
CA PRO B 108 -16.13 -11.64 -9.21
C PRO B 108 -16.97 -10.52 -9.81
N VAL B 109 -16.90 -9.30 -9.25
CA VAL B 109 -17.70 -8.19 -9.74
C VAL B 109 -16.87 -7.09 -10.38
N VAL B 110 -17.05 -6.89 -11.68
CA VAL B 110 -16.32 -5.87 -12.42
C VAL B 110 -17.11 -4.56 -12.48
N GLY B 111 -16.64 -3.57 -11.75
CA GLY B 111 -17.26 -2.27 -11.79
C GLY B 111 -16.90 -1.51 -13.05
N ALA B 112 -17.93 -1.22 -13.87
CA ALA B 112 -17.81 -0.29 -14.97
C ALA B 112 -18.21 1.11 -14.49
N ILE B 113 -17.22 1.87 -14.04
CA ILE B 113 -17.48 3.19 -13.45
C ILE B 113 -17.60 4.22 -14.55
N ASN B 114 -18.84 4.40 -15.00
CA ASN B 114 -19.21 5.16 -16.19
C ASN B 114 -19.17 6.67 -15.96
N GLY B 115 -19.05 7.05 -14.70
CA GLY B 115 -19.00 8.44 -14.34
C GLY B 115 -18.78 8.57 -12.86
N PRO B 116 -19.00 9.78 -12.32
CA PRO B 116 -18.77 10.07 -10.91
C PRO B 116 -19.28 9.03 -9.93
N ALA B 117 -18.44 8.72 -8.96
CA ALA B 117 -18.77 7.86 -7.82
C ALA B 117 -18.44 8.66 -6.57
N ILE B 118 -19.47 9.09 -5.86
CA ILE B 118 -19.29 9.96 -4.71
C ILE B 118 -19.98 9.38 -3.46
N GLY B 119 -19.31 9.46 -2.32
CA GLY B 119 -19.92 9.03 -1.07
C GLY B 119 -20.35 7.57 -1.09
N ALA B 120 -21.62 7.31 -0.85
CA ALA B 120 -22.13 5.93 -0.92
C ALA B 120 -21.67 5.23 -2.19
N GLY B 121 -21.46 6.00 -3.23
CA GLY B 121 -21.14 5.48 -4.55
C GLY B 121 -19.68 5.10 -4.63
N LEU B 122 -18.82 5.88 -4.00
CA LEU B 122 -17.41 5.53 -3.90
C LEU B 122 -17.26 4.20 -3.15
N GLN B 123 -17.94 4.10 -2.01
CA GLN B 123 -18.04 2.83 -1.27
C GLN B 123 -18.46 1.66 -2.17
N LEU B 124 -19.58 1.82 -2.85
CA LEU B 124 -20.05 0.83 -3.79
C LEU B 124 -18.94 0.47 -4.77
N ALA B 125 -18.32 1.47 -5.38
CA ALA B 125 -17.28 1.24 -6.38
C ALA B 125 -16.15 0.41 -5.78
N MET B 126 -15.77 0.77 -4.55
CA MET B 126 -14.71 0.05 -3.88
C MET B 126 -15.03 -1.41 -3.51
N GLN B 127 -16.30 -1.74 -3.36
CA GLN B 127 -16.72 -3.09 -3.04
C GLN B 127 -16.70 -4.00 -4.28
N CYS B 128 -16.69 -3.39 -5.46
CA CYS B 128 -16.49 -4.15 -6.69
C CYS B 128 -15.13 -4.87 -6.64
N ASP B 129 -15.02 -5.98 -7.36
CA ASP B 129 -13.78 -6.73 -7.32
C ASP B 129 -12.68 -6.15 -8.22
N LEU B 130 -13.07 -5.62 -9.38
CA LEU B 130 -12.16 -4.93 -10.30
C LEU B 130 -12.88 -3.69 -10.81
N ARG B 131 -12.13 -2.72 -11.32
CA ARG B 131 -12.74 -1.48 -11.76
C ARG B 131 -12.24 -1.04 -13.15
N VAL B 132 -13.17 -0.91 -14.09
CA VAL B 132 -12.87 -0.32 -15.42
C VAL B 132 -13.47 1.07 -15.44
N VAL B 133 -12.62 2.08 -15.44
CA VAL B 133 -13.08 3.45 -15.19
C VAL B 133 -13.10 4.32 -16.46
N ALA B 134 -14.19 5.07 -16.63
CA ALA B 134 -14.37 5.99 -17.75
C ALA B 134 -13.50 7.24 -17.55
N PRO B 135 -13.02 7.83 -18.66
CA PRO B 135 -12.05 8.94 -18.67
C PRO B 135 -12.51 10.16 -17.91
N ASP B 136 -13.83 10.33 -17.80
CA ASP B 136 -14.46 11.49 -17.18
C ASP B 136 -14.92 11.22 -15.73
N ALA B 137 -14.92 9.95 -15.32
CA ALA B 137 -15.36 9.60 -13.98
C ALA B 137 -14.38 10.15 -12.96
N PHE B 138 -14.88 10.40 -11.76
CA PHE B 138 -14.02 10.75 -10.65
C PHE B 138 -14.58 10.19 -9.34
N PHE B 139 -13.74 10.17 -8.31
CA PHE B 139 -14.11 9.56 -7.04
C PHE B 139 -13.94 10.56 -5.92
N GLN B 140 -14.78 10.45 -4.91
CA GLN B 140 -14.72 11.46 -3.87
C GLN B 140 -15.52 11.11 -2.63
N PHE B 141 -14.91 11.39 -1.49
CA PHE B 141 -15.56 11.37 -0.20
C PHE B 141 -15.64 12.84 0.26
N PRO B 142 -16.74 13.52 -0.08
CA PRO B 142 -16.87 14.93 0.30
C PRO B 142 -17.21 15.07 1.78
N THR B 143 -17.04 13.99 2.53
CA THR B 143 -17.23 13.91 3.98
C THR B 143 -16.88 15.15 4.82
N SER B 144 -15.67 15.67 4.68
CA SER B 144 -15.23 16.76 5.55
C SER B 144 -15.95 18.06 5.22
N LYS B 145 -16.69 18.07 4.12
CA LYS B 145 -17.50 19.20 3.70
C LYS B 145 -18.88 19.16 4.33
N TYR B 146 -19.36 17.96 4.59
CA TYR B 146 -20.70 17.76 5.08
C TYR B 146 -20.69 17.49 6.58
N GLY B 147 -19.50 17.49 7.16
CA GLY B 147 -19.31 17.32 8.59
C GLY B 147 -19.50 15.90 9.14
N LEU B 148 -19.33 14.88 8.31
CA LEU B 148 -19.61 13.50 8.69
C LEU B 148 -18.37 12.64 8.85
N ALA B 149 -18.59 11.36 9.11
CA ALA B 149 -17.53 10.40 9.40
C ALA B 149 -17.82 9.07 8.72
N LEU B 150 -16.76 8.43 8.21
CA LEU B 150 -16.91 7.13 7.56
C LEU B 150 -16.75 5.95 8.52
N ASP B 151 -17.25 4.79 8.11
CA ASP B 151 -16.92 3.53 8.76
C ASP B 151 -15.45 3.26 8.47
N ASN B 152 -14.82 2.37 9.23
CA ASN B 152 -13.41 2.03 9.02
C ASN B 152 -13.10 1.37 7.68
N TRP B 153 -13.94 0.45 7.25
CA TRP B 153 -13.67 -0.25 6.02
C TRP B 153 -13.44 0.76 4.90
N SER B 154 -14.37 1.70 4.79
CA SER B 154 -14.32 2.70 3.72
C SER B 154 -12.95 3.38 3.67
N ILE B 155 -12.43 3.72 4.85
CA ILE B 155 -11.12 4.33 4.93
C ILE B 155 -9.96 3.35 4.62
N ARG B 156 -9.98 2.14 5.18
CA ARG B 156 -8.94 1.17 4.90
C ARG B 156 -8.92 0.81 3.41
N ARG B 157 -10.06 0.40 2.86
CA ARG B 157 -10.07 -0.01 1.45
C ARG B 157 -9.61 1.14 0.57
N LEU B 158 -9.97 2.36 0.92
CA LEU B 158 -9.51 3.52 0.16
C LEU B 158 -8.00 3.62 0.20
N SER B 159 -7.43 3.54 1.39
CA SER B 159 -5.98 3.63 1.57
C SER B 159 -5.25 2.57 0.74
N SER B 160 -5.80 1.36 0.71
CA SER B 160 -5.18 0.27 -0.02
C SER B 160 -5.17 0.53 -1.52
N LEU B 161 -6.21 1.22 -2.01
CA LEU B 161 -6.41 1.48 -3.45
C LEU B 161 -5.73 2.73 -4.06
N VAL B 162 -5.53 3.78 -3.27
CA VAL B 162 -4.96 5.02 -3.80
C VAL B 162 -3.67 5.35 -3.08
N GLY B 163 -3.43 4.61 -1.99
CA GLY B 163 -2.26 4.81 -1.19
C GLY B 163 -2.58 5.76 -0.06
N HIS B 164 -2.00 5.47 1.11
CA HIS B 164 -2.19 6.26 2.32
C HIS B 164 -2.02 7.77 2.10
N GLY B 165 -1.02 8.15 1.31
CA GLY B 165 -0.77 9.55 1.03
C GLY B 165 -1.97 10.24 0.41
N ARG B 166 -2.46 9.66 -0.67
CA ARG B 166 -3.56 10.24 -1.39
C ARG B 166 -4.90 10.11 -0.62
N ALA B 167 -5.06 9.03 0.14
CA ALA B 167 -6.22 8.86 1.01
C ALA B 167 -6.30 9.96 2.07
N ARG B 168 -5.15 10.34 2.62
CA ARG B 168 -5.14 11.46 3.55
C ARG B 168 -5.78 12.73 2.99
N ALA B 169 -5.41 13.06 1.76
CA ALA B 169 -5.95 14.24 1.07
C ALA B 169 -7.44 14.08 0.71
N MET B 170 -7.82 12.97 0.09
CA MET B 170 -9.22 12.76 -0.20
C MET B 170 -10.07 12.87 1.06
N LEU B 171 -9.53 12.45 2.20
CA LEU B 171 -10.33 12.38 3.41
C LEU B 171 -10.25 13.63 4.27
N LEU B 172 -9.12 14.31 4.29
CA LEU B 172 -8.92 15.44 5.17
C LEU B 172 -9.33 16.74 4.49
N SER B 173 -9.41 16.74 3.16
CA SER B 173 -9.73 17.97 2.42
C SER B 173 -10.73 17.75 1.30
N ALA B 174 -11.40 16.59 1.31
CA ALA B 174 -12.44 16.30 0.34
C ALA B 174 -11.98 16.44 -1.12
N GLU B 175 -10.83 15.87 -1.45
CA GLU B 175 -10.27 16.04 -2.78
C GLU B 175 -10.69 14.91 -3.71
N LYS B 176 -11.08 15.28 -4.93
CA LYS B 176 -11.52 14.32 -5.90
C LYS B 176 -10.34 13.52 -6.44
N LEU B 177 -10.60 12.24 -6.73
CA LEU B 177 -9.62 11.40 -7.41
C LEU B 177 -10.03 11.23 -8.87
N THR B 178 -9.31 11.88 -9.78
CA THR B 178 -9.60 11.72 -11.20
C THR B 178 -9.21 10.33 -11.69
N ALA B 179 -9.58 10.02 -12.92
CA ALA B 179 -9.38 8.69 -13.48
C ALA B 179 -7.94 8.42 -13.87
N GLU B 180 -7.20 9.43 -14.31
CA GLU B 180 -5.78 9.23 -14.61
C GLU B 180 -5.03 8.80 -13.36
N ILE B 181 -5.37 9.42 -12.23
CA ILE B 181 -4.73 9.12 -10.97
C ILE B 181 -5.21 7.79 -10.42
N ALA B 182 -6.47 7.46 -10.65
CA ALA B 182 -7.00 6.16 -10.27
C ALA B 182 -6.32 5.04 -11.06
N LEU B 183 -6.03 5.28 -12.34
CA LEU B 183 -5.32 4.30 -13.10
C LEU B 183 -3.91 4.21 -12.50
N HIS B 184 -3.39 5.38 -12.14
CA HIS B 184 -2.06 5.51 -11.58
C HIS B 184 -1.85 4.69 -10.30
N THR B 185 -2.87 4.61 -9.45
CA THR B 185 -2.72 4.01 -8.13
C THR B 185 -3.22 2.58 -8.06
N GLY B 186 -3.98 2.17 -9.06
CA GLY B 186 -4.63 0.89 -9.00
C GLY B 186 -6.11 0.96 -8.68
N MET B 187 -6.61 2.12 -8.27
CA MET B 187 -8.04 2.27 -7.97
C MET B 187 -8.84 1.86 -9.20
N ALA B 188 -8.39 2.28 -10.36
CA ALA B 188 -8.89 1.73 -11.62
C ALA B 188 -7.90 0.72 -12.19
N ASN B 189 -8.39 -0.45 -12.60
CA ASN B 189 -7.54 -1.46 -13.22
C ASN B 189 -7.28 -1.15 -14.70
N ARG B 190 -8.28 -0.55 -15.33
CA ARG B 190 -8.18 -0.07 -16.71
C ARG B 190 -9.05 1.19 -16.90
N ILE B 191 -8.78 1.92 -17.97
CA ILE B 191 -9.59 3.08 -18.34
C ILE B 191 -10.38 2.69 -19.60
N GLY B 192 -11.70 2.85 -19.54
CA GLY B 192 -12.53 2.43 -20.65
C GLY B 192 -14.03 2.33 -20.41
N THR B 193 -14.67 1.65 -21.34
CA THR B 193 -16.13 1.68 -21.46
C THR B 193 -16.82 0.50 -20.76
N LEU B 194 -18.15 0.54 -20.72
CA LEU B 194 -18.95 -0.60 -20.25
C LEU B 194 -18.59 -1.81 -21.09
N ALA B 195 -18.48 -1.60 -22.40
CA ALA B 195 -18.15 -2.68 -23.31
C ALA B 195 -16.80 -3.29 -22.95
N ASP B 196 -15.81 -2.44 -22.75
CA ASP B 196 -14.48 -2.90 -22.37
C ASP B 196 -14.58 -3.83 -21.16
N ALA B 197 -15.28 -3.36 -20.13
CA ALA B 197 -15.45 -4.12 -18.91
C ALA B 197 -16.14 -5.45 -19.18
N GLN B 198 -17.14 -5.44 -20.07
CA GLN B 198 -17.87 -6.66 -20.35
C GLN B 198 -17.01 -7.72 -21.04
N ALA B 199 -16.14 -7.28 -21.94
CA ALA B 199 -15.25 -8.22 -22.61
C ALA B 199 -14.22 -8.72 -21.63
N TRP B 200 -13.86 -7.88 -20.66
CA TRP B 200 -12.97 -8.34 -19.62
C TRP B 200 -13.69 -9.36 -18.74
N ALA B 201 -14.95 -9.08 -18.41
CA ALA B 201 -15.75 -10.00 -17.60
C ALA B 201 -15.94 -11.35 -18.29
N ALA B 202 -15.97 -11.34 -19.62
CA ALA B 202 -16.12 -12.56 -20.39
C ALA B 202 -14.89 -13.46 -20.27
N GLU B 203 -13.71 -12.84 -20.25
CA GLU B 203 -12.46 -13.56 -20.11
C GLU B 203 -12.34 -14.21 -18.73
N ILE B 204 -12.66 -13.44 -17.70
CA ILE B 204 -12.62 -13.93 -16.35
C ILE B 204 -13.62 -15.08 -16.14
N ALA B 205 -14.74 -15.01 -16.84
CA ALA B 205 -15.79 -16.03 -16.70
C ALA B 205 -15.32 -17.38 -17.21
N ARG B 206 -14.21 -17.38 -17.94
CA ARG B 206 -13.65 -18.61 -18.49
C ARG B 206 -12.54 -19.16 -17.58
N LEU B 207 -12.17 -18.41 -16.55
CA LEU B 207 -11.19 -18.87 -15.57
C LEU B 207 -11.77 -19.89 -14.60
N ALA B 208 -10.93 -20.42 -13.70
CA ALA B 208 -11.35 -21.43 -12.73
C ALA B 208 -12.06 -20.81 -11.51
N PRO B 209 -13.37 -21.06 -11.36
CA PRO B 209 -14.17 -20.40 -10.33
C PRO B 209 -13.59 -20.53 -8.91
N LEU B 210 -13.11 -21.72 -8.54
CA LEU B 210 -12.65 -21.97 -7.18
C LEU B 210 -11.35 -21.24 -6.81
N ALA B 211 -10.54 -20.92 -7.81
CA ALA B 211 -9.33 -20.15 -7.58
C ALA B 211 -9.71 -18.69 -7.41
N ILE B 212 -10.71 -18.26 -8.15
CA ILE B 212 -11.19 -16.89 -8.03
C ILE B 212 -11.83 -16.68 -6.66
N GLN B 213 -12.58 -17.66 -6.20
CA GLN B 213 -13.26 -17.52 -4.92
C GLN B 213 -12.28 -17.48 -3.75
N HIS B 214 -11.28 -18.35 -3.76
CA HIS B 214 -10.29 -18.33 -2.72
C HIS B 214 -9.62 -16.96 -2.64
N ALA B 215 -9.04 -16.52 -3.75
CA ALA B 215 -8.34 -15.24 -3.82
C ALA B 215 -9.19 -14.03 -3.42
N LYS B 216 -10.45 -14.00 -3.85
CA LYS B 216 -11.33 -12.90 -3.43
C LYS B 216 -11.47 -12.81 -1.91
N ARG B 217 -11.79 -13.95 -1.28
CA ARG B 217 -11.97 -14.04 0.17
C ARG B 217 -10.75 -13.51 0.91
N VAL B 218 -9.57 -13.97 0.50
CA VAL B 218 -8.33 -13.58 1.17
C VAL B 218 -8.01 -12.10 0.93
N LEU B 219 -8.15 -11.65 -0.31
CA LEU B 219 -8.01 -10.25 -0.62
C LEU B 219 -8.92 -9.36 0.24
N ASN B 220 -10.18 -9.74 0.41
CA ASN B 220 -11.13 -8.98 1.26
C ASN B 220 -10.84 -9.10 2.76
N ASP B 221 -10.10 -10.16 3.13
CA ASP B 221 -9.77 -10.37 4.54
C ASP B 221 -8.42 -9.77 4.88
N ASP B 222 -7.97 -8.82 4.07
CA ASP B 222 -6.70 -8.14 4.30
C ASP B 222 -6.63 -7.29 5.57
N GLY B 223 -7.76 -7.14 6.26
CA GLY B 223 -7.81 -6.36 7.49
C GLY B 223 -8.68 -5.11 7.40
N ALA B 224 -9.15 -4.79 6.21
CA ALA B 224 -9.91 -3.57 5.97
C ALA B 224 -11.30 -3.67 6.55
N ILE B 225 -11.86 -4.86 6.56
CA ILE B 225 -13.07 -5.07 7.31
C ILE B 225 -12.75 -5.02 8.81
N GLU B 226 -12.65 -3.80 9.33
CA GLU B 226 -12.14 -3.56 10.67
C GLU B 226 -13.21 -2.91 11.52
N GLU B 227 -13.41 -3.46 12.72
CA GLU B 227 -14.28 -2.84 13.73
C GLU B 227 -13.68 -1.55 14.28
N ALA B 228 -14.54 -0.56 14.50
CA ALA B 228 -14.07 0.78 14.87
C ALA B 228 -13.49 0.77 16.28
N TRP B 229 -12.31 1.37 16.44
CA TRP B 229 -11.74 1.50 17.78
C TRP B 229 -12.65 2.42 18.63
N PRO B 230 -12.61 2.26 19.96
CA PRO B 230 -13.32 3.17 20.85
C PRO B 230 -13.26 4.66 20.44
N ALA B 231 -12.06 5.20 20.24
CA ALA B 231 -11.94 6.62 19.93
C ALA B 231 -12.54 6.97 18.56
N HIS B 232 -12.49 6.03 17.62
CA HIS B 232 -13.12 6.19 16.34
C HIS B 232 -14.63 6.31 16.52
N LYS B 233 -15.23 5.44 17.31
CA LYS B 233 -16.66 5.52 17.49
C LYS B 233 -17.07 6.76 18.25
N GLU B 234 -16.21 7.24 19.13
CA GLU B 234 -16.52 8.47 19.83
C GLU B 234 -16.52 9.68 18.87
N LEU B 235 -15.55 9.74 17.97
CA LEU B 235 -15.48 10.82 16.97
C LEU B 235 -16.59 10.71 15.93
N PHE B 236 -16.85 9.47 15.49
CA PHE B 236 -17.98 9.15 14.62
C PHE B 236 -19.34 9.65 15.14
N ASP B 237 -19.68 9.31 16.37
CA ASP B 237 -20.93 9.75 16.95
C ASP B 237 -20.98 11.27 17.12
N LYS B 238 -19.92 11.83 17.69
CA LYS B 238 -19.80 13.26 17.85
C LYS B 238 -20.04 14.01 16.53
N ALA B 239 -19.45 13.55 15.43
CA ALA B 239 -19.63 14.22 14.14
C ALA B 239 -21.07 14.08 13.64
N TRP B 240 -21.59 12.86 13.65
CA TRP B 240 -22.94 12.63 13.17
C TRP B 240 -23.98 13.41 13.96
N GLY B 241 -23.70 13.67 15.23
CA GLY B 241 -24.63 14.35 16.11
C GLY B 241 -24.35 15.84 16.22
N SER B 242 -23.41 16.34 15.43
CA SER B 242 -23.03 17.75 15.51
C SER B 242 -24.04 18.75 14.92
N GLN B 243 -23.95 19.97 15.43
CA GLN B 243 -24.62 21.12 14.86
C GLN B 243 -24.06 21.40 13.46
N ASP B 244 -22.79 21.05 13.28
CA ASP B 244 -22.09 21.34 12.03
C ASP B 244 -22.70 20.58 10.85
N VAL B 245 -23.29 19.43 11.12
CA VAL B 245 -23.94 18.68 10.06
C VAL B 245 -25.13 19.45 9.48
N ILE B 246 -25.83 20.20 10.34
CA ILE B 246 -26.93 21.05 9.87
C ILE B 246 -26.38 22.27 9.12
N GLU B 247 -25.34 22.90 9.68
CA GLU B 247 -24.82 24.11 9.07
C GLU B 247 -24.41 23.87 7.63
N ALA B 248 -23.84 22.69 7.37
CA ALA B 248 -23.33 22.36 6.04
C ALA B 248 -24.48 22.31 5.05
N GLN B 249 -25.62 21.81 5.51
CA GLN B 249 -26.81 21.67 4.68
C GLN B 249 -27.52 22.99 4.41
N VAL B 250 -27.65 23.83 5.44
CA VAL B 250 -28.30 25.12 5.25
C VAL B 250 -27.42 26.03 4.38
N ALA B 251 -26.10 25.96 4.57
CA ALA B 251 -25.16 26.75 3.80
C ALA B 251 -25.24 26.34 2.32
N ARG B 252 -25.37 25.05 2.09
CA ARG B 252 -25.63 24.52 0.76
C ARG B 252 -26.96 25.04 0.20
N MET B 253 -28.05 24.95 0.97
CA MET B 253 -29.36 25.42 0.50
C MET B 253 -29.41 26.94 0.29
N GLU B 254 -28.45 27.66 0.85
CA GLU B 254 -28.41 29.11 0.70
C GLU B 254 -27.27 29.54 -0.23
N LYS B 255 -26.60 28.56 -0.83
CA LYS B 255 -25.43 28.77 -1.70
C LYS B 255 -24.42 29.73 -1.09
N ARG B 256 -24.02 29.43 0.15
CA ARG B 256 -23.02 30.23 0.85
C ARG B 256 -21.91 29.38 1.51
N PRO B 257 -20.80 30.03 1.87
CA PRO B 257 -19.81 29.29 2.65
C PRO B 257 -20.38 28.84 3.99
N PRO B 258 -20.17 27.58 4.39
CA PRO B 258 -20.60 27.22 5.74
C PRO B 258 -19.63 27.80 6.76
N LYS B 259 -20.02 27.86 8.02
CA LYS B 259 -19.16 28.39 9.05
C LYS B 259 -19.28 27.47 10.24
N PHE B 260 -18.44 26.45 10.28
CA PHE B 260 -18.57 25.39 11.26
C PHE B 260 -18.06 25.83 12.64
N GLN B 261 -18.32 25.01 13.65
CA GLN B 261 -17.97 25.36 15.03
C GLN B 261 -17.07 24.34 15.70
N GLY B 262 -17.05 23.14 15.15
CA GLY B 262 -16.40 22.04 15.82
C GLY B 262 -17.37 21.41 16.79
N ALA B 263 -18.65 21.49 16.47
CA ALA B 263 -19.72 21.07 17.37
C ALA B 263 -21.06 20.93 16.64
N HIS C 20 24.32 -29.67 -8.81
CA HIS C 20 24.05 -30.13 -10.18
C HIS C 20 23.08 -29.23 -10.95
N MET C 21 22.31 -28.40 -10.24
CA MET C 21 21.25 -27.60 -10.85
C MET C 21 21.35 -26.10 -10.58
N ILE C 22 22.35 -25.68 -9.80
CA ILE C 22 22.66 -24.25 -9.65
C ILE C 22 24.16 -23.93 -9.82
N GLY C 23 24.46 -22.64 -9.98
CA GLY C 23 25.82 -22.15 -10.06
C GLY C 23 26.03 -21.09 -8.99
N ILE C 24 27.28 -20.95 -8.56
CA ILE C 24 27.59 -20.08 -7.42
C ILE C 24 28.94 -19.43 -7.63
N THR C 25 28.96 -18.11 -7.62
CA THR C 25 30.20 -17.40 -7.81
C THR C 25 30.23 -16.27 -6.81
N GLN C 26 31.41 -15.97 -6.30
CA GLN C 26 31.55 -14.84 -5.39
C GLN C 26 32.57 -13.87 -5.97
N ALA C 27 32.32 -12.58 -5.76
CA ALA C 27 33.23 -11.53 -6.20
C ALA C 27 33.01 -10.30 -5.34
N GLU C 28 34.07 -9.81 -4.71
CA GLU C 28 34.00 -8.56 -3.95
C GLU C 28 32.73 -8.47 -3.06
N ALA C 29 32.61 -9.45 -2.17
CA ALA C 29 31.59 -9.42 -1.13
C ALA C 29 30.21 -9.84 -1.64
N VAL C 30 30.10 -10.05 -2.95
CA VAL C 30 28.81 -10.49 -3.45
C VAL C 30 28.83 -11.92 -3.94
N LEU C 31 27.96 -12.74 -3.36
CA LEU C 31 27.71 -14.09 -3.82
C LEU C 31 26.56 -14.10 -4.82
N THR C 32 26.82 -14.49 -6.05
CA THR C 32 25.74 -14.64 -7.02
C THR C 32 25.31 -16.10 -7.05
N ILE C 33 24.03 -16.34 -6.85
CA ILE C 33 23.48 -17.68 -6.98
C ILE C 33 22.64 -17.71 -8.25
N GLU C 34 22.79 -18.75 -9.06
CA GLU C 34 22.10 -18.79 -10.35
C GLU C 34 21.36 -20.08 -10.63
N LEU C 35 20.04 -19.96 -10.80
CA LEU C 35 19.24 -21.09 -11.26
C LEU C 35 19.75 -21.54 -12.61
N GLN C 36 19.90 -22.85 -12.78
CA GLN C 36 20.42 -23.42 -14.02
C GLN C 36 19.61 -24.62 -14.49
N ARG C 37 18.36 -24.36 -14.85
CA ARG C 37 17.52 -25.35 -15.51
C ARG C 37 16.87 -24.68 -16.75
N PRO C 38 17.68 -23.95 -17.53
CA PRO C 38 17.21 -23.15 -18.67
C PRO C 38 16.33 -23.94 -19.63
N GLU C 39 16.47 -25.26 -19.61
CA GLU C 39 15.65 -26.11 -20.48
C GLU C 39 14.19 -26.12 -20.02
N ARG C 40 13.97 -25.94 -18.72
CA ARG C 40 12.62 -25.79 -18.19
C ARG C 40 12.36 -24.33 -17.77
N ARG C 41 13.24 -23.43 -18.24
CA ARG C 41 13.15 -22.01 -17.93
C ARG C 41 13.28 -21.80 -16.43
N ASN C 42 14.13 -22.62 -15.82
CA ASN C 42 14.40 -22.60 -14.38
C ASN C 42 13.22 -22.92 -13.47
N ALA C 43 12.23 -23.63 -14.02
CA ALA C 43 11.10 -24.13 -13.25
C ALA C 43 11.62 -24.97 -12.08
N LEU C 44 11.03 -24.78 -10.91
CA LEU C 44 11.47 -25.48 -9.72
C LEU C 44 10.99 -26.92 -9.67
N ASN C 45 11.71 -27.73 -8.92
CA ASN C 45 11.24 -29.05 -8.49
C ASN C 45 11.93 -29.35 -7.16
N SER C 46 11.80 -30.57 -6.66
CA SER C 46 12.41 -30.95 -5.39
C SER C 46 13.88 -30.55 -5.28
N GLN C 47 14.67 -30.98 -6.26
CA GLN C 47 16.13 -30.82 -6.19
C GLN C 47 16.59 -29.36 -6.27
N LEU C 48 16.07 -28.61 -7.22
CA LEU C 48 16.50 -27.24 -7.42
C LEU C 48 16.28 -26.42 -6.16
N VAL C 49 15.12 -26.62 -5.53
CA VAL C 49 14.75 -25.94 -4.28
C VAL C 49 15.69 -26.31 -3.15
N GLU C 50 15.93 -27.61 -2.97
CA GLU C 50 16.81 -28.10 -1.92
C GLU C 50 18.20 -27.49 -2.04
N GLU C 51 18.72 -27.46 -3.26
CA GLU C 51 20.06 -26.96 -3.51
C GLU C 51 20.13 -25.44 -3.30
N LEU C 52 19.01 -24.75 -3.51
CA LEU C 52 18.93 -23.31 -3.27
C LEU C 52 18.91 -23.02 -1.77
N THR C 53 18.07 -23.76 -1.06
CA THR C 53 17.98 -23.66 0.38
C THR C 53 19.41 -23.73 0.89
N GLN C 54 20.10 -24.80 0.52
CA GLN C 54 21.48 -25.03 0.97
C GLN C 54 22.41 -23.88 0.63
N ALA C 55 22.37 -23.45 -0.64
CA ALA C 55 23.21 -22.37 -1.09
C ALA C 55 22.97 -21.07 -0.32
N ILE C 56 21.70 -20.75 -0.04
CA ILE C 56 21.37 -19.58 0.80
C ILE C 56 21.91 -19.70 2.24
N ARG C 57 21.64 -20.82 2.91
CA ARG C 57 22.06 -20.95 4.30
C ARG C 57 23.57 -20.78 4.45
N LYS C 58 24.32 -21.37 3.52
CA LYS C 58 25.78 -21.39 3.63
C LYS C 58 26.47 -20.13 3.04
N ALA C 59 25.69 -19.23 2.43
CA ALA C 59 26.25 -17.96 1.97
C ALA C 59 26.88 -17.23 3.16
N GLY C 60 27.94 -16.47 2.90
CA GLY C 60 28.72 -15.90 3.98
C GLY C 60 29.42 -16.96 4.83
N ASP C 61 30.44 -17.60 4.24
CA ASP C 61 31.15 -18.71 4.87
C ASP C 61 32.67 -18.82 4.58
N GLY C 62 33.17 -18.19 3.51
CA GLY C 62 32.42 -17.22 2.74
C GLY C 62 32.38 -15.94 3.53
N SER C 63 33.02 -14.90 3.03
CA SER C 63 32.86 -13.61 3.67
C SER C 63 31.93 -12.70 2.87
N ALA C 64 30.97 -13.30 2.17
CA ALA C 64 30.00 -12.53 1.42
C ALA C 64 29.15 -11.70 2.38
N ARG C 65 28.76 -10.52 1.93
CA ARG C 65 27.88 -9.66 2.71
C ARG C 65 26.54 -9.42 2.02
N ALA C 66 26.43 -9.86 0.77
CA ALA C 66 25.22 -9.70 -0.02
C ALA C 66 25.06 -10.82 -1.03
N ILE C 67 23.82 -11.13 -1.40
CA ILE C 67 23.53 -12.20 -2.34
C ILE C 67 22.78 -11.67 -3.55
N VAL C 68 23.19 -12.07 -4.74
CA VAL C 68 22.34 -11.83 -5.91
C VAL C 68 21.75 -13.15 -6.38
N LEU C 69 20.44 -13.17 -6.54
CA LEU C 69 19.75 -14.36 -7.00
C LEU C 69 19.23 -14.16 -8.42
N THR C 70 19.66 -15.02 -9.35
CA THR C 70 19.30 -14.83 -10.76
C THR C 70 19.09 -16.14 -11.49
N GLY C 71 18.74 -16.05 -12.78
CA GLY C 71 18.53 -17.23 -13.61
C GLY C 71 19.35 -17.30 -14.89
N GLN C 72 19.49 -18.52 -15.41
CA GLN C 72 20.20 -18.79 -16.65
C GLN C 72 19.26 -18.71 -17.84
N GLY C 73 19.75 -18.18 -18.94
CA GLY C 73 18.94 -18.03 -20.15
C GLY C 73 17.87 -16.97 -20.05
N THR C 74 16.72 -17.25 -20.66
CA THR C 74 15.73 -16.22 -20.92
C THR C 74 14.85 -15.83 -19.75
N ALA C 75 14.57 -16.77 -18.85
CA ALA C 75 13.68 -16.54 -17.72
C ALA C 75 14.41 -16.49 -16.40
N PHE C 76 13.81 -15.83 -15.42
CA PHE C 76 14.24 -15.96 -14.03
C PHE C 76 13.77 -17.31 -13.49
N CYS C 77 12.48 -17.54 -13.51
CA CYS C 77 11.88 -18.82 -13.12
C CYS C 77 10.44 -18.92 -13.60
N ALA C 78 10.18 -19.86 -14.49
CA ALA C 78 8.92 -19.91 -15.19
C ALA C 78 7.81 -20.56 -14.39
N GLY C 79 8.18 -21.19 -13.28
CA GLY C 79 7.19 -21.75 -12.38
C GLY C 79 7.63 -22.99 -11.62
N ALA C 80 6.77 -23.99 -11.65
CA ALA C 80 7.14 -25.28 -11.06
C ALA C 80 6.97 -26.39 -12.10
N ASP C 81 7.94 -27.31 -12.14
CA ASP C 81 7.86 -28.47 -13.03
C ASP C 81 8.37 -29.71 -12.33
N LEU C 82 7.43 -30.43 -11.73
CA LEU C 82 7.75 -31.62 -10.95
C LEU C 82 7.78 -32.89 -11.78
N SER C 83 7.59 -32.79 -13.08
CA SER C 83 7.54 -33.99 -13.90
C SER C 83 8.92 -34.63 -13.93
N GLY C 84 8.95 -35.91 -13.58
CA GLY C 84 10.18 -36.66 -13.44
C GLY C 84 10.68 -36.62 -12.00
N ASP C 85 10.26 -35.60 -11.26
CA ASP C 85 10.72 -35.41 -9.90
C ASP C 85 10.40 -36.65 -9.10
N ALA C 86 11.40 -37.50 -8.90
CA ALA C 86 11.24 -38.69 -8.08
C ALA C 86 10.63 -38.36 -6.72
N PHE C 87 10.84 -37.13 -6.26
CA PHE C 87 10.43 -36.74 -4.92
C PHE C 87 9.40 -35.61 -4.89
N ALA C 88 8.59 -35.53 -5.94
CA ALA C 88 7.55 -34.51 -6.04
C ALA C 88 6.77 -34.36 -4.73
N ALA C 89 6.29 -35.48 -4.22
CA ALA C 89 5.62 -35.53 -2.94
C ALA C 89 6.05 -34.44 -1.94
N ASP C 90 7.34 -34.33 -1.68
CA ASP C 90 7.78 -33.46 -0.60
C ASP C 90 8.41 -32.16 -1.09
N TYR C 91 7.90 -31.71 -2.24
CA TYR C 91 8.37 -30.48 -2.84
C TYR C 91 7.80 -29.20 -2.18
N PRO C 92 6.56 -29.28 -1.65
CA PRO C 92 6.00 -28.13 -0.92
C PRO C 92 6.80 -27.78 0.34
N ASP C 93 7.09 -28.76 1.21
CA ASP C 93 7.87 -28.50 2.42
C ASP C 93 9.27 -28.03 2.05
N ARG C 94 9.80 -28.59 0.99
CA ARG C 94 11.09 -28.13 0.49
C ARG C 94 11.03 -26.65 0.16
N LEU C 95 9.92 -26.25 -0.46
CA LEU C 95 9.74 -24.88 -0.88
C LEU C 95 9.56 -23.92 0.29
N ILE C 96 8.83 -24.35 1.31
CA ILE C 96 8.65 -23.51 2.49
C ILE C 96 10.01 -23.28 3.15
N GLU C 97 10.78 -24.36 3.25
CA GLU C 97 12.16 -24.31 3.72
C GLU C 97 13.00 -23.25 3.02
N LEU C 98 12.95 -23.26 1.70
CA LEU C 98 13.63 -22.24 0.92
C LEU C 98 13.23 -20.84 1.42
N HIS C 99 11.92 -20.59 1.49
CA HIS C 99 11.45 -19.27 1.91
C HIS C 99 11.90 -18.90 3.33
N LYS C 100 11.71 -19.81 4.28
CA LYS C 100 12.13 -19.58 5.66
C LYS C 100 13.58 -19.16 5.73
N ALA C 101 14.43 -19.89 4.99
CA ALA C 101 15.84 -19.60 4.89
C ALA C 101 16.11 -18.18 4.37
N MET C 102 15.49 -17.82 3.26
CA MET C 102 15.63 -16.46 2.75
C MET C 102 15.14 -15.42 3.76
N ASP C 103 14.01 -15.69 4.38
CA ASP C 103 13.48 -14.78 5.39
C ASP C 103 14.47 -14.60 6.53
N ALA C 104 15.06 -15.71 6.96
CA ALA C 104 15.91 -15.73 8.14
C ALA C 104 17.36 -15.30 7.86
N SER C 105 17.69 -15.13 6.59
CA SER C 105 19.05 -14.78 6.22
C SER C 105 19.46 -13.36 6.65
N PRO C 106 20.65 -13.22 7.24
CA PRO C 106 21.10 -11.86 7.56
C PRO C 106 21.64 -11.13 6.32
N MET C 107 21.78 -11.84 5.20
CA MET C 107 22.23 -11.20 3.98
C MET C 107 21.06 -10.63 3.17
N PRO C 108 21.25 -9.43 2.62
CA PRO C 108 20.29 -8.87 1.66
C PRO C 108 20.31 -9.69 0.36
N VAL C 109 19.17 -10.18 -0.10
CA VAL C 109 19.12 -10.86 -1.39
C VAL C 109 18.56 -9.93 -2.46
N VAL C 110 19.43 -9.51 -3.37
CA VAL C 110 19.04 -8.74 -4.56
C VAL C 110 18.67 -9.71 -5.67
N GLY C 111 17.38 -9.82 -5.95
CA GLY C 111 16.95 -10.58 -7.10
C GLY C 111 17.21 -9.85 -8.42
N ALA C 112 18.03 -10.45 -9.27
CA ALA C 112 18.19 -9.95 -10.63
C ALA C 112 17.21 -10.68 -11.50
N ILE C 113 15.99 -10.16 -11.60
CA ILE C 113 14.96 -10.82 -12.40
C ILE C 113 15.24 -10.66 -13.92
N ASN C 114 16.05 -11.57 -14.44
CA ASN C 114 16.56 -11.48 -15.79
C ASN C 114 15.51 -11.76 -16.84
N GLY C 115 14.32 -12.15 -16.42
CA GLY C 115 13.28 -12.55 -17.36
C GLY C 115 11.99 -12.87 -16.63
N PRO C 116 11.05 -13.52 -17.32
CA PRO C 116 9.74 -13.84 -16.74
C PRO C 116 9.83 -14.50 -15.35
N ALA C 117 9.04 -14.00 -14.41
CA ALA C 117 8.90 -14.65 -13.10
C ALA C 117 7.43 -15.04 -12.92
N ILE C 118 7.15 -16.33 -13.01
CA ILE C 118 5.78 -16.84 -13.05
C ILE C 118 5.53 -17.82 -11.90
N GLY C 119 4.34 -17.77 -11.31
CA GLY C 119 3.98 -18.67 -10.23
C GLY C 119 4.97 -18.68 -9.06
N ALA C 120 5.55 -19.84 -8.78
CA ALA C 120 6.59 -19.95 -7.75
C ALA C 120 7.78 -19.03 -8.07
N GLY C 121 7.98 -18.74 -9.35
CA GLY C 121 9.00 -17.79 -9.79
C GLY C 121 8.78 -16.39 -9.25
N LEU C 122 7.51 -15.97 -9.23
CA LEU C 122 7.10 -14.69 -8.65
C LEU C 122 7.20 -14.72 -7.10
N GLN C 123 6.81 -15.84 -6.49
CA GLN C 123 6.95 -15.98 -5.05
C GLN C 123 8.40 -15.81 -4.64
N LEU C 124 9.27 -16.58 -5.28
CA LEU C 124 10.69 -16.45 -5.12
C LEU C 124 11.17 -15.01 -5.34
N ALA C 125 10.78 -14.41 -6.46
CA ALA C 125 11.16 -13.01 -6.74
C ALA C 125 10.76 -12.09 -5.59
N MET C 126 9.54 -12.28 -5.08
CA MET C 126 8.99 -11.44 -4.02
C MET C 126 9.70 -11.64 -2.68
N GLN C 127 10.37 -12.77 -2.52
CA GLN C 127 11.05 -13.11 -1.28
C GLN C 127 12.48 -12.58 -1.27
N CYS C 128 12.92 -12.10 -2.41
CA CYS C 128 14.16 -11.35 -2.46
C CYS C 128 13.92 -10.04 -1.73
N ASP C 129 15.01 -9.41 -1.29
CA ASP C 129 14.87 -8.23 -0.47
C ASP C 129 14.77 -6.99 -1.33
N LEU C 130 15.27 -7.09 -2.55
CA LEU C 130 15.29 -5.97 -3.47
C LEU C 130 15.20 -6.55 -4.87
N ARG C 131 14.66 -5.80 -5.82
CA ARG C 131 14.52 -6.33 -7.18
C ARG C 131 15.05 -5.42 -8.30
N VAL C 132 16.05 -5.93 -9.02
CA VAL C 132 16.58 -5.27 -10.19
C VAL C 132 16.07 -6.07 -11.38
N VAL C 133 15.35 -5.42 -12.29
CA VAL C 133 14.52 -6.13 -13.28
C VAL C 133 14.83 -5.84 -14.76
N ALA C 134 14.98 -6.89 -15.56
CA ALA C 134 15.27 -6.77 -17.00
C ALA C 134 14.12 -6.13 -17.78
N PRO C 135 14.46 -5.26 -18.75
CA PRO C 135 13.50 -4.56 -19.61
C PRO C 135 12.41 -5.47 -20.18
N ASP C 136 12.72 -6.72 -20.48
CA ASP C 136 11.73 -7.64 -21.07
C ASP C 136 11.07 -8.64 -20.10
N ALA C 137 11.37 -8.53 -18.81
CA ALA C 137 10.79 -9.43 -17.84
C ALA C 137 9.34 -9.04 -17.55
N PHE C 138 8.54 -10.02 -17.12
CA PHE C 138 7.22 -9.75 -16.56
C PHE C 138 6.92 -10.69 -15.39
N PHE C 139 5.97 -10.31 -14.54
CA PHE C 139 5.63 -11.06 -13.32
C PHE C 139 4.19 -11.51 -13.40
N GLN C 140 3.88 -12.73 -12.97
CA GLN C 140 2.53 -13.21 -13.12
C GLN C 140 2.14 -14.35 -12.19
N PHE C 141 0.91 -14.31 -11.68
CA PHE C 141 0.31 -15.44 -10.98
C PHE C 141 -0.81 -16.01 -11.82
N PRO C 142 -0.50 -17.02 -12.64
CA PRO C 142 -1.53 -17.58 -13.51
C PRO C 142 -2.33 -18.65 -12.81
N THR C 143 -2.48 -18.53 -11.50
CA THR C 143 -3.21 -19.52 -10.72
C THR C 143 -4.70 -19.63 -11.07
N SER C 144 -5.30 -18.55 -11.54
CA SER C 144 -6.70 -18.57 -11.96
C SER C 144 -6.86 -19.39 -13.24
N LYS C 145 -5.74 -19.61 -13.94
CA LYS C 145 -5.73 -20.48 -15.13
C LYS C 145 -5.60 -21.99 -14.83
N TYR C 146 -5.06 -22.34 -13.65
CA TYR C 146 -4.77 -23.73 -13.33
C TYR C 146 -5.64 -24.24 -12.19
N GLY C 147 -6.46 -23.34 -11.66
CA GLY C 147 -7.40 -23.67 -10.60
C GLY C 147 -6.72 -23.75 -9.25
N LEU C 148 -5.59 -23.06 -9.09
CA LEU C 148 -4.83 -23.18 -7.86
C LEU C 148 -5.23 -22.16 -6.80
N ALA C 149 -4.53 -22.16 -5.68
CA ALA C 149 -4.79 -21.23 -4.59
C ALA C 149 -3.48 -20.91 -3.88
N LEU C 150 -3.27 -19.64 -3.55
CA LEU C 150 -2.01 -19.23 -2.97
C LEU C 150 -2.05 -19.19 -1.44
N ASP C 151 -0.89 -19.31 -0.81
CA ASP C 151 -0.76 -19.10 0.62
C ASP C 151 -0.97 -17.62 0.92
N ASN C 152 -1.20 -17.26 2.17
CA ASN C 152 -1.45 -15.86 2.48
C ASN C 152 -0.28 -14.92 2.32
N TRP C 153 0.93 -15.39 2.57
CA TRP C 153 2.08 -14.52 2.39
C TRP C 153 2.20 -13.98 0.95
N SER C 154 1.91 -14.83 -0.03
CA SER C 154 2.04 -14.46 -1.42
C SER C 154 1.06 -13.35 -1.75
N ILE C 155 -0.16 -13.52 -1.26
CA ILE C 155 -1.21 -12.56 -1.53
C ILE C 155 -0.94 -11.24 -0.82
N ARG C 156 -0.48 -11.29 0.42
CA ARG C 156 -0.21 -10.07 1.14
C ARG C 156 1.01 -9.37 0.63
N ARG C 157 2.05 -10.11 0.25
CA ARG C 157 3.31 -9.46 -0.14
C ARG C 157 3.16 -8.90 -1.54
N LEU C 158 2.44 -9.62 -2.40
CA LEU C 158 2.14 -9.07 -3.72
C LEU C 158 1.44 -7.72 -3.60
N SER C 159 0.40 -7.65 -2.75
CA SER C 159 -0.37 -6.40 -2.60
C SER C 159 0.49 -5.22 -2.12
N SER C 160 1.48 -5.51 -1.30
CA SER C 160 2.37 -4.47 -0.82
C SER C 160 3.31 -3.99 -1.93
N LEU C 161 3.46 -4.79 -2.97
CA LEU C 161 4.45 -4.47 -3.99
C LEU C 161 3.84 -3.79 -5.21
N VAL C 162 2.63 -4.22 -5.58
CA VAL C 162 1.94 -3.62 -6.72
C VAL C 162 0.70 -2.85 -6.30
N GLY C 163 0.42 -2.80 -5.00
CA GLY C 163 -0.79 -2.14 -4.54
C GLY C 163 -1.95 -3.10 -4.62
N HIS C 164 -2.93 -2.89 -3.75
CA HIS C 164 -4.05 -3.79 -3.62
C HIS C 164 -4.83 -3.96 -4.95
N GLY C 165 -5.07 -2.85 -5.62
CA GLY C 165 -5.84 -2.85 -6.85
C GLY C 165 -5.23 -3.69 -7.95
N ARG C 166 -3.96 -3.46 -8.27
CA ARG C 166 -3.29 -4.34 -9.22
C ARG C 166 -3.27 -5.77 -8.69
N ALA C 167 -3.03 -5.94 -7.40
CA ALA C 167 -2.99 -7.27 -6.83
C ALA C 167 -4.28 -8.01 -7.15
N ARG C 168 -5.42 -7.33 -7.01
CA ARG C 168 -6.72 -7.95 -7.27
C ARG C 168 -6.81 -8.52 -8.68
N ALA C 169 -6.27 -7.78 -9.65
CA ALA C 169 -6.37 -8.14 -11.07
C ALA C 169 -5.36 -9.21 -11.49
N MET C 170 -4.19 -9.20 -10.86
CA MET C 170 -3.20 -10.24 -11.08
C MET C 170 -3.68 -11.59 -10.53
N LEU C 171 -4.33 -11.52 -9.38
CA LEU C 171 -4.86 -12.70 -8.72
C LEU C 171 -6.20 -13.13 -9.32
N LEU C 172 -7.12 -12.21 -9.55
CA LEU C 172 -8.46 -12.58 -10.01
C LEU C 172 -8.59 -12.78 -11.53
N SER C 173 -7.63 -12.28 -12.30
CA SER C 173 -7.67 -12.48 -13.75
C SER C 173 -6.31 -12.84 -14.37
N ALA C 174 -5.36 -13.28 -13.57
CA ALA C 174 -4.06 -13.73 -14.09
C ALA C 174 -3.37 -12.67 -14.97
N GLU C 175 -3.55 -11.41 -14.63
CA GLU C 175 -2.94 -10.30 -15.37
C GLU C 175 -1.42 -10.19 -15.14
N LYS C 176 -0.68 -9.91 -16.21
CA LYS C 176 0.78 -9.81 -16.13
C LYS C 176 1.25 -8.41 -15.77
N LEU C 177 2.20 -8.36 -14.84
CA LEU C 177 2.87 -7.12 -14.51
C LEU C 177 4.11 -6.98 -15.40
N THR C 178 4.15 -5.92 -16.20
CA THR C 178 5.28 -5.69 -17.09
C THR C 178 6.43 -5.04 -16.30
N ALA C 179 7.65 -5.17 -16.78
CA ALA C 179 8.77 -4.55 -16.07
C ALA C 179 8.46 -3.10 -15.82
N GLU C 180 7.96 -2.43 -16.85
CA GLU C 180 7.65 -1.02 -16.81
C GLU C 180 6.72 -0.67 -15.65
N ILE C 181 5.72 -1.50 -15.45
CA ILE C 181 4.74 -1.22 -14.42
C ILE C 181 5.22 -1.75 -13.06
N ALA C 182 6.12 -2.74 -13.09
CA ALA C 182 6.78 -3.15 -11.87
C ALA C 182 7.55 -1.98 -11.29
N LEU C 183 8.22 -1.21 -12.17
CA LEU C 183 8.98 -0.06 -11.72
C LEU C 183 8.03 1.04 -11.20
N HIS C 184 6.86 1.12 -11.81
CA HIS C 184 5.82 2.05 -11.39
C HIS C 184 5.41 1.79 -9.94
N THR C 185 5.09 0.54 -9.63
CA THR C 185 4.53 0.21 -8.32
C THR C 185 5.57 0.02 -7.23
N GLY C 186 6.81 -0.25 -7.62
CA GLY C 186 7.88 -0.49 -6.66
C GLY C 186 8.28 -1.95 -6.56
N MET C 187 7.58 -2.82 -7.30
CA MET C 187 7.88 -4.25 -7.33
C MET C 187 9.30 -4.47 -7.89
N ALA C 188 9.64 -3.68 -8.89
CA ALA C 188 11.00 -3.61 -9.38
C ALA C 188 11.58 -2.37 -8.75
N ASN C 189 12.74 -2.48 -8.14
CA ASN C 189 13.35 -1.30 -7.56
C ASN C 189 14.11 -0.50 -8.61
N ARG C 190 14.69 -1.21 -9.57
CA ARG C 190 15.33 -0.59 -10.71
C ARG C 190 15.10 -1.50 -11.89
N ILE C 191 15.29 -0.96 -13.08
CA ILE C 191 15.32 -1.78 -14.29
C ILE C 191 16.79 -1.90 -14.67
N GLY C 192 17.30 -3.12 -14.73
CA GLY C 192 18.70 -3.29 -15.06
C GLY C 192 19.05 -4.71 -15.44
N THR C 193 20.33 -4.92 -15.73
CA THR C 193 20.88 -6.22 -16.05
C THR C 193 21.47 -6.91 -14.80
N LEU C 194 21.94 -8.14 -14.97
CA LEU C 194 22.65 -8.84 -13.88
C LEU C 194 23.80 -8.00 -13.28
N ALA C 195 24.64 -7.49 -14.17
CA ALA C 195 25.75 -6.64 -13.78
C ALA C 195 25.28 -5.43 -12.97
N ASP C 196 24.13 -4.86 -13.31
CA ASP C 196 23.61 -3.71 -12.55
C ASP C 196 23.29 -4.18 -11.15
N ALA C 197 22.58 -5.30 -11.09
CA ALA C 197 22.15 -5.86 -9.83
C ALA C 197 23.38 -6.13 -8.98
N GLN C 198 24.41 -6.74 -9.60
CA GLN C 198 25.66 -7.08 -8.92
C GLN C 198 26.43 -5.85 -8.46
N ALA C 199 26.43 -4.82 -9.30
CA ALA C 199 27.07 -3.57 -8.95
C ALA C 199 26.36 -2.96 -7.74
N TRP C 200 25.03 -2.98 -7.73
CA TRP C 200 24.27 -2.44 -6.61
C TRP C 200 24.55 -3.27 -5.36
N ALA C 201 24.49 -4.60 -5.49
CA ALA C 201 24.79 -5.45 -4.35
C ALA C 201 26.15 -5.13 -3.74
N ALA C 202 27.12 -4.79 -4.56
CA ALA C 202 28.41 -4.41 -4.00
C ALA C 202 28.30 -3.18 -3.10
N GLU C 203 27.55 -2.17 -3.53
CA GLU C 203 27.35 -0.97 -2.74
C GLU C 203 26.73 -1.31 -1.40
N ILE C 204 25.76 -2.21 -1.45
CA ILE C 204 25.08 -2.65 -0.26
C ILE C 204 25.97 -3.50 0.66
N ALA C 205 26.85 -4.31 0.06
CA ALA C 205 27.77 -5.14 0.84
C ALA C 205 28.70 -4.27 1.70
N ARG C 206 28.81 -3.00 1.33
CA ARG C 206 29.66 -2.08 2.07
C ARG C 206 28.89 -1.24 3.08
N LEU C 207 27.64 -1.63 3.36
CA LEU C 207 26.87 -0.92 4.39
C LEU C 207 26.86 -1.67 5.73
N ALA C 208 26.33 -1.03 6.76
CA ALA C 208 26.33 -1.60 8.11
C ALA C 208 25.39 -2.82 8.24
N PRO C 209 25.97 -4.02 8.28
CA PRO C 209 25.18 -5.25 8.22
C PRO C 209 24.07 -5.32 9.29
N LEU C 210 24.38 -4.89 10.51
CA LEU C 210 23.41 -4.91 11.61
C LEU C 210 22.24 -3.97 11.36
N ALA C 211 22.52 -2.79 10.79
CA ALA C 211 21.48 -1.86 10.36
C ALA C 211 20.54 -2.57 9.39
N ILE C 212 21.14 -3.23 8.42
CA ILE C 212 20.41 -3.94 7.38
C ILE C 212 19.62 -5.12 7.94
N GLN C 213 20.16 -5.77 8.97
CA GLN C 213 19.54 -6.95 9.51
C GLN C 213 18.30 -6.58 10.30
N HIS C 214 18.37 -5.48 11.03
CA HIS C 214 17.21 -5.04 11.77
C HIS C 214 16.08 -4.64 10.82
N ALA C 215 16.40 -3.80 9.86
CA ALA C 215 15.43 -3.33 8.88
C ALA C 215 14.79 -4.48 8.09
N LYS C 216 15.59 -5.42 7.59
CA LYS C 216 15.04 -6.55 6.85
C LYS C 216 13.93 -7.23 7.65
N ARG C 217 14.24 -7.47 8.93
CA ARG C 217 13.41 -8.22 9.85
C ARG C 217 12.12 -7.45 10.18
N VAL C 218 12.21 -6.16 10.48
CA VAL C 218 11.01 -5.38 10.73
C VAL C 218 10.17 -5.34 9.45
N LEU C 219 10.78 -4.99 8.33
CA LEU C 219 10.09 -5.00 7.05
C LEU C 219 9.35 -6.32 6.77
N ASN C 220 10.02 -7.46 6.98
CA ASN C 220 9.40 -8.76 6.73
C ASN C 220 8.30 -9.08 7.72
N ASP C 221 8.28 -8.38 8.85
CA ASP C 221 7.26 -8.63 9.86
C ASP C 221 6.13 -7.61 9.78
N ASP C 222 5.92 -7.05 8.59
CA ASP C 222 4.88 -6.07 8.40
C ASP C 222 3.49 -6.71 8.53
N GLY C 223 3.43 -8.03 8.59
CA GLY C 223 2.15 -8.70 8.72
C GLY C 223 1.88 -9.61 7.54
N ALA C 224 2.77 -9.54 6.55
CA ALA C 224 2.57 -10.33 5.34
C ALA C 224 2.65 -11.81 5.65
N ILE C 225 3.48 -12.16 6.62
CA ILE C 225 3.59 -13.55 7.00
C ILE C 225 2.38 -13.87 7.84
N GLU C 226 1.36 -14.40 7.19
CA GLU C 226 0.07 -14.56 7.85
C GLU C 226 -0.52 -15.97 7.81
N GLU C 227 -0.87 -16.46 8.99
CA GLU C 227 -1.58 -17.74 9.09
C GLU C 227 -2.95 -17.64 8.41
N ALA C 228 -3.16 -18.49 7.42
CA ALA C 228 -4.43 -18.60 6.74
C ALA C 228 -5.60 -18.81 7.73
N TRP C 229 -6.59 -17.93 7.65
CA TRP C 229 -7.81 -18.08 8.43
C TRP C 229 -8.50 -19.37 8.02
N PRO C 230 -9.43 -19.85 8.84
CA PRO C 230 -10.19 -21.07 8.52
C PRO C 230 -10.97 -21.02 7.19
N ALA C 231 -11.60 -19.89 6.87
CA ALA C 231 -12.30 -19.82 5.60
C ALA C 231 -11.28 -20.00 4.47
N HIS C 232 -10.11 -19.38 4.66
CA HIS C 232 -9.02 -19.50 3.69
C HIS C 232 -8.58 -20.96 3.48
N LYS C 233 -8.17 -21.64 4.54
CA LYS C 233 -7.78 -23.04 4.45
C LYS C 233 -8.88 -23.89 3.79
N GLU C 234 -10.13 -23.52 3.97
CA GLU C 234 -11.22 -24.27 3.39
C GLU C 234 -11.23 -24.13 1.86
N LEU C 235 -11.41 -22.91 1.36
CA LEU C 235 -11.39 -22.65 -0.08
C LEU C 235 -10.09 -23.09 -0.75
N PHE C 236 -8.98 -22.94 -0.02
CA PHE C 236 -7.65 -23.34 -0.47
C PHE C 236 -7.57 -24.85 -0.67
N ASP C 237 -8.17 -25.61 0.25
CA ASP C 237 -8.22 -27.06 0.10
C ASP C 237 -9.10 -27.42 -1.07
N LYS C 238 -10.26 -26.77 -1.13
CA LYS C 238 -11.27 -27.07 -2.13
C LYS C 238 -10.73 -26.92 -3.55
N ALA C 239 -9.90 -25.90 -3.80
CA ALA C 239 -9.35 -25.66 -5.13
C ALA C 239 -8.28 -26.70 -5.54
N TRP C 240 -7.31 -26.94 -4.66
CA TRP C 240 -6.26 -27.95 -4.89
C TRP C 240 -6.77 -29.38 -5.12
N GLY C 241 -7.77 -29.77 -4.33
CA GLY C 241 -8.34 -31.09 -4.42
C GLY C 241 -9.29 -31.23 -5.60
N SER C 242 -9.61 -30.10 -6.22
CA SER C 242 -10.63 -30.08 -7.27
C SER C 242 -10.18 -30.77 -8.56
N GLN C 243 -11.15 -31.26 -9.33
CA GLN C 243 -10.89 -31.91 -10.60
C GLN C 243 -10.47 -30.92 -11.68
N ASP C 244 -10.74 -29.64 -11.43
CA ASP C 244 -10.35 -28.57 -12.35
C ASP C 244 -8.84 -28.43 -12.45
N VAL C 245 -8.16 -28.63 -11.34
CA VAL C 245 -6.71 -28.66 -11.32
C VAL C 245 -6.19 -29.72 -12.30
N ILE C 246 -6.89 -30.84 -12.39
CA ILE C 246 -6.52 -31.90 -13.32
C ILE C 246 -6.80 -31.44 -14.76
N GLU C 247 -7.98 -30.88 -14.98
CA GLU C 247 -8.36 -30.40 -16.31
C GLU C 247 -7.37 -29.39 -16.87
N ALA C 248 -6.95 -28.45 -16.03
CA ALA C 248 -6.03 -27.41 -16.46
C ALA C 248 -4.80 -28.02 -17.10
N GLN C 249 -4.26 -29.05 -16.45
CA GLN C 249 -3.04 -29.69 -16.90
C GLN C 249 -3.27 -30.52 -18.16
N VAL C 250 -4.39 -31.23 -18.18
CA VAL C 250 -4.77 -32.01 -19.37
C VAL C 250 -4.97 -31.08 -20.57
N ALA C 251 -5.79 -30.06 -20.39
CA ALA C 251 -6.03 -29.09 -21.44
C ALA C 251 -4.73 -28.46 -21.94
N ARG C 252 -3.78 -28.23 -21.03
CA ARG C 252 -2.48 -27.69 -21.42
C ARG C 252 -1.72 -28.76 -22.19
N MET C 253 -1.87 -30.00 -21.75
CA MET C 253 -1.23 -31.11 -22.43
C MET C 253 -1.73 -31.17 -23.87
N GLU C 254 -3.03 -30.96 -24.04
CA GLU C 254 -3.67 -31.15 -25.34
C GLU C 254 -3.82 -29.86 -26.15
N LYS C 255 -2.99 -28.87 -25.82
CA LYS C 255 -3.01 -27.56 -26.48
C LYS C 255 -4.43 -27.12 -26.86
N ARG C 256 -5.25 -26.93 -25.84
CA ARG C 256 -6.62 -26.46 -26.01
C ARG C 256 -7.11 -25.76 -24.73
N PRO C 257 -8.19 -24.98 -24.85
CA PRO C 257 -8.74 -24.28 -23.68
C PRO C 257 -9.42 -25.24 -22.68
N PRO C 258 -9.19 -25.02 -21.37
CA PRO C 258 -9.80 -25.82 -20.30
C PRO C 258 -11.27 -25.50 -20.11
N LYS C 259 -12.08 -26.52 -19.89
CA LYS C 259 -13.48 -26.33 -19.56
C LYS C 259 -13.68 -26.58 -18.06
N PHE C 260 -13.56 -25.51 -17.28
CA PHE C 260 -13.67 -25.57 -15.82
C PHE C 260 -15.10 -25.78 -15.33
N GLN C 261 -15.25 -26.63 -14.32
CA GLN C 261 -16.56 -26.99 -13.77
C GLN C 261 -16.84 -26.25 -12.46
N GLY C 262 -15.79 -25.65 -11.90
CA GLY C 262 -15.91 -25.06 -10.58
C GLY C 262 -16.13 -26.19 -9.59
N ALA C 263 -15.34 -27.24 -9.72
CA ALA C 263 -15.52 -28.42 -8.89
C ALA C 263 -14.24 -29.25 -8.91
#